data_5SA9
#
_entry.id   5SA9
#
_cell.length_a   150.147
_cell.length_b   150.147
_cell.length_c   112.402
_cell.angle_alpha   90.000
_cell.angle_beta   90.000
_cell.angle_gamma   120.000
#
_symmetry.space_group_name_H-M   'P 63'
#
loop_
_entity.id
_entity.type
_entity.pdbx_description
1 polymer 'Uridylate-specific endoribonuclease'
2 non-polymer 1-methylindazole-3-carboxamide
3 water water
#
_entity_poly.entity_id   1
_entity_poly.type   'polypeptide(L)'
_entity_poly.pdbx_seq_one_letter_code
;GAMSLENVAFNVVNKGHFDGQQGEVPVSIINNTVYTKVDGVDVELFENKTTLPVNVAFELWAKRNIKPVPEVKILNNLGV
DIAANTVIWDYKRDAPAHISTIGVCSMTDIAKKPTETICAPLTVFFDGRVDGQVDLFRNARNGVLITEGSVKGLQPSVGP
KQASLNGVTLIGEAVKTQFNYYKKVDGVVQQLPETYFTQSRNLQEFKPRSQMEIDFLELAMDEFIERYKLEGYAFEHIVY
GDFSHSQLGGLHLLIGLAKRFKESPFELEDFIPMDSTVKNYFITDAQTGSSKCVCSVIDLLLDDFVEIIKSQDLSVVSKV
VKVTIDYTEISFMLWCKDGHVETFYPKLQ
;
_entity_poly.pdbx_strand_id   A,B
#
# COMPACT_ATOMS: atom_id res chain seq x y z
N ALA A 2 0.15 -30.96 -20.22
CA ALA A 2 -0.22 -31.48 -21.55
C ALA A 2 -1.20 -30.51 -22.24
N MET A 3 -0.68 -29.37 -22.68
CA MET A 3 -1.46 -28.36 -23.38
C MET A 3 -1.82 -28.85 -24.80
N SER A 4 -3.05 -28.61 -25.22
CA SER A 4 -3.51 -29.01 -26.54
C SER A 4 -4.70 -28.21 -27.01
N LEU A 5 -4.91 -28.16 -28.31
CA LEU A 5 -6.04 -27.50 -28.92
C LEU A 5 -7.37 -28.09 -28.38
N GLU A 6 -7.44 -29.42 -28.34
CA GLU A 6 -8.61 -30.16 -27.90
C GLU A 6 -8.89 -29.98 -26.42
N ASN A 7 -7.83 -29.84 -25.60
CA ASN A 7 -7.99 -29.56 -24.19
C ASN A 7 -8.47 -28.12 -23.95
N VAL A 8 -7.95 -27.15 -24.72
CA VAL A 8 -8.39 -25.75 -24.64
C VAL A 8 -9.89 -25.69 -25.00
N ALA A 9 -10.27 -26.34 -26.11
CA ALA A 9 -11.67 -26.41 -26.55
C ALA A 9 -12.56 -27.08 -25.50
N PHE A 10 -12.09 -28.16 -24.84
CA PHE A 10 -12.82 -28.82 -23.78
C PHE A 10 -13.12 -27.83 -22.63
N ASN A 11 -12.09 -27.07 -22.23
CA ASN A 11 -12.22 -26.09 -21.17
C ASN A 11 -13.22 -25.01 -21.57
N VAL A 12 -13.14 -24.47 -22.79
CA VAL A 12 -14.09 -23.46 -23.26
C VAL A 12 -15.53 -24.00 -23.21
N VAL A 13 -15.77 -25.18 -23.80
CA VAL A 13 -17.09 -25.80 -23.84
C VAL A 13 -17.66 -26.04 -22.43
N ASN A 14 -16.86 -26.59 -21.52
CA ASN A 14 -17.34 -26.97 -20.19
C ASN A 14 -17.20 -25.97 -19.07
N LYS A 15 -16.21 -25.08 -19.14
CA LYS A 15 -15.91 -24.12 -18.08
C LYS A 15 -16.09 -22.65 -18.49
N GLY A 16 -16.42 -22.40 -19.75
CA GLY A 16 -16.62 -21.04 -20.26
C GLY A 16 -15.34 -20.30 -20.58
N HIS A 17 -14.18 -20.91 -20.35
CA HIS A 17 -12.83 -20.37 -20.52
C HIS A 17 -11.82 -21.45 -20.11
N PHE A 18 -10.49 -21.18 -20.26
CA PHE A 18 -9.50 -22.15 -19.84
C PHE A 18 -9.45 -22.18 -18.32
N ASP A 19 -9.63 -23.37 -17.73
CA ASP A 19 -9.68 -23.53 -16.28
C ASP A 19 -8.76 -24.66 -15.78
N GLY A 20 -7.79 -25.09 -16.60
CA GLY A 20 -6.86 -26.15 -16.22
C GLY A 20 -7.47 -27.53 -16.08
N GLN A 21 -8.69 -27.73 -16.60
CA GLN A 21 -9.38 -29.01 -16.49
C GLN A 21 -8.90 -30.02 -17.51
N GLN A 22 -8.81 -31.28 -17.13
CA GLN A 22 -8.41 -32.34 -18.05
C GLN A 22 -9.59 -32.69 -18.95
N GLY A 23 -9.31 -33.07 -20.19
CA GLY A 23 -10.36 -33.44 -21.12
C GLY A 23 -10.11 -32.95 -22.53
N GLU A 24 -10.82 -33.54 -23.51
CA GLU A 24 -10.68 -33.20 -24.91
C GLU A 24 -12.03 -33.26 -25.59
N VAL A 25 -12.27 -32.36 -26.57
CA VAL A 25 -13.45 -32.37 -27.43
C VAL A 25 -12.94 -32.33 -28.88
N PRO A 26 -13.67 -32.92 -29.84
CA PRO A 26 -13.22 -32.86 -31.23
C PRO A 26 -13.33 -31.42 -31.74
N VAL A 27 -12.30 -30.99 -32.48
CA VAL A 27 -12.24 -29.63 -32.99
C VAL A 27 -11.97 -29.63 -34.46
N SER A 28 -12.61 -28.71 -35.18
CA SER A 28 -12.26 -28.49 -36.57
C SER A 28 -11.87 -27.02 -36.76
N ILE A 29 -10.79 -26.80 -37.48
CA ILE A 29 -10.35 -25.45 -37.78
C ILE A 29 -10.59 -25.16 -39.25
N ILE A 30 -11.35 -24.11 -39.57
CA ILE A 30 -11.58 -23.77 -40.99
C ILE A 30 -11.56 -22.26 -41.10
N ASN A 31 -10.92 -21.67 -42.13
N ASN A 31 -10.50 -21.90 -41.84
CA ASN A 31 -10.91 -20.19 -42.35
CA ASN A 31 -9.95 -20.61 -42.15
C ASN A 31 -11.19 -19.27 -41.11
C ASN A 31 -9.43 -20.07 -40.83
N ASN A 32 -10.18 -19.18 -40.24
CA ASN A 32 -9.99 -18.45 -38.98
C ASN A 32 -11.01 -18.72 -37.91
N THR A 33 -11.70 -19.84 -38.00
CA THR A 33 -12.73 -20.18 -37.04
C THR A 33 -12.46 -21.54 -36.42
N VAL A 34 -12.73 -21.66 -35.14
CA VAL A 34 -12.59 -22.90 -34.41
C VAL A 34 -14.01 -23.43 -34.17
N TYR A 35 -14.26 -24.68 -34.53
CA TYR A 35 -15.54 -25.33 -34.33
C TYR A 35 -15.40 -26.57 -33.46
N THR A 36 -16.52 -27.00 -32.87
CA THR A 36 -16.60 -28.26 -32.14
C THR A 36 -17.90 -28.99 -32.52
N LYS A 37 -17.87 -30.32 -32.59
CA LYS A 37 -19.04 -31.12 -32.89
C LYS A 37 -19.98 -31.19 -31.67
N VAL A 38 -21.25 -30.82 -31.85
CA VAL A 38 -22.29 -30.92 -30.82
C VAL A 38 -23.54 -31.47 -31.53
N ASP A 39 -23.97 -32.70 -31.16
CA ASP A 39 -25.13 -33.36 -31.75
C ASP A 39 -24.95 -33.57 -33.26
N GLY A 40 -23.74 -33.99 -33.64
CA GLY A 40 -23.44 -34.23 -35.05
C GLY A 40 -23.14 -33.01 -35.92
N VAL A 41 -23.35 -31.76 -35.40
CA VAL A 41 -23.06 -30.57 -36.20
C VAL A 41 -21.99 -29.65 -35.57
N ASP A 42 -21.30 -28.89 -36.40
CA ASP A 42 -20.26 -27.97 -35.98
C ASP A 42 -20.82 -26.69 -35.35
N VAL A 43 -20.31 -26.36 -34.17
CA VAL A 43 -20.71 -25.17 -33.45
C VAL A 43 -19.48 -24.31 -33.29
N GLU A 44 -19.61 -23.06 -33.68
CA GLU A 44 -18.52 -22.10 -33.61
C GLU A 44 -18.12 -21.76 -32.17
N LEU A 45 -16.86 -21.98 -31.83
CA LEU A 45 -16.34 -21.61 -30.51
C LEU A 45 -15.62 -20.29 -30.54
N PHE A 46 -14.94 -19.98 -31.66
CA PHE A 46 -14.13 -18.78 -31.73
C PHE A 46 -13.85 -18.34 -33.15
N GLU A 47 -13.91 -17.04 -33.39
CA GLU A 47 -13.52 -16.50 -34.69
C GLU A 47 -12.31 -15.60 -34.44
N ASN A 48 -11.21 -15.94 -35.09
CA ASN A 48 -9.99 -15.19 -34.97
C ASN A 48 -10.06 -13.84 -35.69
N LYS A 49 -9.99 -12.75 -34.93
CA LYS A 49 -9.90 -11.37 -35.46
C LYS A 49 -8.47 -10.79 -35.25
N THR A 50 -7.50 -11.63 -34.84
CA THR A 50 -6.14 -11.22 -34.53
C THR A 50 -5.22 -11.51 -35.73
N THR A 51 -3.98 -11.04 -35.63
CA THR A 51 -2.96 -11.33 -36.64
C THR A 51 -2.14 -12.58 -36.27
N LEU A 52 -2.52 -13.31 -35.21
CA LEU A 52 -1.87 -14.55 -34.79
C LEU A 52 -2.56 -15.71 -35.51
N PRO A 53 -1.90 -16.89 -35.60
CA PRO A 53 -2.59 -18.08 -36.13
C PRO A 53 -3.84 -18.41 -35.28
N VAL A 54 -4.92 -18.80 -35.92
CA VAL A 54 -6.22 -19.10 -35.32
C VAL A 54 -6.14 -19.95 -34.05
N ASN A 55 -5.38 -21.07 -34.06
CA ASN A 55 -5.32 -21.93 -32.88
C ASN A 55 -4.59 -21.27 -31.70
N VAL A 56 -3.60 -20.43 -32.02
CA VAL A 56 -2.84 -19.69 -31.04
C VAL A 56 -3.74 -18.61 -30.43
N ALA A 57 -4.46 -17.84 -31.28
CA ALA A 57 -5.34 -16.79 -30.77
C ALA A 57 -6.45 -17.37 -29.91
N PHE A 58 -6.98 -18.57 -30.31
CA PHE A 58 -8.01 -19.26 -29.55
C PHE A 58 -7.50 -19.60 -28.17
N GLU A 59 -6.27 -20.14 -28.07
CA GLU A 59 -5.70 -20.45 -26.77
C GLU A 59 -5.50 -19.22 -25.85
N LEU A 60 -4.96 -18.10 -26.42
CA LEU A 60 -4.76 -16.87 -25.64
C LEU A 60 -6.09 -16.28 -25.18
N TRP A 61 -7.11 -16.33 -26.04
CA TRP A 61 -8.43 -15.84 -25.68
C TRP A 61 -9.03 -16.75 -24.55
N ALA A 62 -8.91 -18.08 -24.69
CA ALA A 62 -9.37 -18.99 -23.63
C ALA A 62 -8.65 -18.71 -22.31
N LYS A 63 -7.35 -18.35 -22.39
CA LYS A 63 -6.54 -18.07 -21.21
C LYS A 63 -6.57 -16.63 -20.75
N ARG A 64 -7.55 -15.85 -21.20
CA ARG A 64 -7.66 -14.44 -20.84
C ARG A 64 -7.95 -14.30 -19.36
N ASN A 65 -7.53 -13.17 -18.80
CA ASN A 65 -7.73 -12.86 -17.41
C ASN A 65 -9.23 -12.53 -17.26
N ILE A 66 -9.90 -13.26 -16.38
CA ILE A 66 -11.32 -13.06 -16.10
C ILE A 66 -11.57 -12.32 -14.77
N LYS A 67 -10.54 -11.73 -14.16
CA LYS A 67 -10.72 -10.90 -12.98
C LYS A 67 -10.76 -9.47 -13.48
N PRO A 68 -11.24 -8.46 -12.69
CA PRO A 68 -11.14 -7.07 -13.16
C PRO A 68 -9.68 -6.73 -13.36
N VAL A 69 -9.34 -6.21 -14.54
CA VAL A 69 -7.97 -5.84 -14.85
C VAL A 69 -7.93 -4.40 -15.31
N PRO A 70 -6.76 -3.73 -15.19
CA PRO A 70 -6.66 -2.36 -15.73
C PRO A 70 -7.10 -2.29 -17.20
N GLU A 71 -7.77 -1.19 -17.60
CA GLU A 71 -8.14 -0.99 -19.00
C GLU A 71 -6.87 -0.88 -19.84
N VAL A 72 -6.87 -1.46 -21.05
CA VAL A 72 -5.70 -1.44 -21.94
C VAL A 72 -5.07 -0.03 -22.10
N LYS A 73 -5.89 1.06 -22.18
CA LYS A 73 -5.34 2.42 -22.28
C LYS A 73 -4.38 2.75 -21.12
N ILE A 74 -4.69 2.31 -19.88
CA ILE A 74 -3.85 2.51 -18.69
C ILE A 74 -2.54 1.72 -18.82
N LEU A 75 -2.62 0.45 -19.21
CA LEU A 75 -1.43 -0.39 -19.35
C LEU A 75 -0.50 0.19 -20.41
N ASN A 76 -1.06 0.62 -21.55
CA ASN A 76 -0.31 1.25 -22.64
C ASN A 76 0.36 2.53 -22.17
N ASN A 77 -0.38 3.39 -21.46
CA ASN A 77 0.13 4.66 -20.95
C ASN A 77 1.28 4.47 -19.97
N LEU A 78 1.30 3.32 -19.24
CA LEU A 78 2.37 2.92 -18.32
C LEU A 78 3.50 2.14 -18.99
N GLY A 79 3.46 2.00 -20.30
CA GLY A 79 4.50 1.29 -21.04
C GLY A 79 4.56 -0.20 -20.84
N VAL A 80 3.44 -0.84 -20.49
CA VAL A 80 3.41 -2.29 -20.25
C VAL A 80 3.67 -3.01 -21.58
N ASP A 81 4.67 -3.90 -21.62
CA ASP A 81 5.00 -4.65 -22.82
C ASP A 81 4.39 -6.06 -22.85
N ILE A 82 4.29 -6.69 -21.67
CA ILE A 82 3.90 -8.08 -21.53
C ILE A 82 3.35 -8.30 -20.12
N ALA A 83 2.55 -9.36 -19.93
CA ALA A 83 2.00 -9.67 -18.62
C ALA A 83 2.63 -10.92 -18.06
N ALA A 84 2.80 -10.95 -16.72
CA ALA A 84 3.33 -12.12 -16.05
C ALA A 84 2.24 -13.18 -15.87
N ASN A 85 2.33 -14.28 -16.64
CA ASN A 85 1.52 -15.49 -16.51
C ASN A 85 0.01 -15.31 -16.60
N THR A 86 -0.43 -14.44 -17.50
CA THR A 86 -1.82 -14.16 -17.78
C THR A 86 -1.93 -13.52 -19.17
N VAL A 87 -3.15 -13.43 -19.71
CA VAL A 87 -3.39 -12.74 -20.95
C VAL A 87 -4.33 -11.60 -20.65
N ILE A 88 -3.92 -10.35 -20.96
CA ILE A 88 -4.86 -9.22 -20.85
C ILE A 88 -5.49 -9.20 -22.25
N TRP A 89 -6.78 -9.53 -22.33
CA TRP A 89 -7.48 -9.54 -23.61
C TRP A 89 -8.00 -8.15 -23.89
N ASP A 90 -7.72 -7.67 -25.07
CA ASP A 90 -8.12 -6.37 -25.54
C ASP A 90 -9.46 -6.55 -26.28
N TYR A 91 -10.56 -6.28 -25.59
CA TYR A 91 -11.89 -6.43 -26.15
C TYR A 91 -12.22 -5.38 -27.22
N LYS A 92 -11.52 -4.24 -27.23
CA LYS A 92 -11.72 -3.21 -28.25
C LYS A 92 -11.09 -3.64 -29.59
N ARG A 93 -10.01 -4.42 -29.54
CA ARG A 93 -9.38 -4.96 -30.73
C ARG A 93 -9.72 -6.44 -31.00
N ASP A 94 -10.46 -7.13 -30.09
CA ASP A 94 -10.70 -8.59 -30.14
C ASP A 94 -9.36 -9.33 -30.31
N ALA A 95 -8.37 -8.95 -29.51
CA ALA A 95 -7.03 -9.49 -29.62
C ALA A 95 -6.27 -9.42 -28.31
N PRO A 96 -5.15 -10.15 -28.18
CA PRO A 96 -4.33 -10.01 -26.96
C PRO A 96 -3.77 -8.58 -26.89
N ALA A 97 -3.84 -7.92 -25.72
CA ALA A 97 -3.26 -6.59 -25.55
C ALA A 97 -1.75 -6.60 -25.81
N HIS A 98 -1.07 -7.75 -25.68
CA HIS A 98 0.38 -7.82 -25.84
C HIS A 98 0.80 -8.87 -26.84
N ILE A 99 1.88 -8.62 -27.57
CA ILE A 99 2.38 -9.55 -28.60
C ILE A 99 2.76 -10.91 -28.05
N SER A 100 3.51 -10.91 -26.96
CA SER A 100 4.08 -12.11 -26.36
C SER A 100 3.52 -12.42 -24.99
N THR A 101 3.83 -13.63 -24.51
CA THR A 101 3.38 -14.09 -23.21
C THR A 101 4.53 -14.64 -22.37
N ILE A 102 4.27 -14.80 -21.07
CA ILE A 102 5.19 -15.41 -20.12
C ILE A 102 4.37 -16.51 -19.42
N GLY A 103 4.76 -17.75 -19.59
CA GLY A 103 4.09 -18.91 -18.99
C GLY A 103 2.62 -19.11 -19.33
N VAL A 104 2.23 -18.84 -20.56
CA VAL A 104 0.84 -18.97 -20.99
C VAL A 104 0.64 -19.97 -22.15
N CYS A 105 1.30 -19.76 -23.27
CA CYS A 105 1.09 -20.52 -24.48
C CYS A 105 2.44 -20.79 -25.14
N SER A 106 2.69 -22.03 -25.53
CA SER A 106 3.99 -22.42 -26.10
C SER A 106 4.38 -21.67 -27.37
N MET A 107 3.40 -21.25 -28.20
CA MET A 107 3.68 -20.52 -29.41
C MET A 107 4.07 -19.05 -29.16
N THR A 108 3.50 -18.41 -28.12
CA THR A 108 3.75 -16.98 -27.89
C THR A 108 4.74 -16.67 -26.75
N ASP A 109 4.97 -17.66 -25.86
CA ASP A 109 5.87 -17.50 -24.73
C ASP A 109 7.27 -17.13 -25.12
N ILE A 110 7.78 -16.09 -24.48
CA ILE A 110 9.19 -15.75 -24.60
C ILE A 110 9.98 -16.31 -23.38
N ALA A 111 9.26 -16.71 -22.32
CA ALA A 111 9.75 -17.22 -21.05
C ALA A 111 8.58 -17.94 -20.37
N LYS A 112 8.89 -18.80 -19.40
CA LYS A 112 7.91 -19.46 -18.53
C LYS A 112 7.71 -18.61 -17.26
N LYS A 113 8.77 -17.90 -16.81
CA LYS A 113 8.72 -17.06 -15.61
C LYS A 113 9.27 -15.67 -15.91
N PRO A 114 8.71 -14.62 -15.28
CA PRO A 114 9.24 -13.25 -15.52
C PRO A 114 10.67 -13.01 -14.99
N THR A 115 11.23 -13.97 -14.23
CA THR A 115 12.60 -13.88 -13.74
C THR A 115 13.63 -14.18 -14.83
N GLU A 116 13.20 -14.75 -15.99
CA GLU A 116 14.13 -15.06 -17.08
C GLU A 116 14.71 -13.77 -17.69
N THR A 117 16.00 -13.80 -18.08
CA THR A 117 16.72 -12.62 -18.54
C THR A 117 16.06 -11.93 -19.73
N ILE A 118 15.29 -12.66 -20.60
CA ILE A 118 14.57 -12.04 -21.72
C ILE A 118 13.58 -10.98 -21.20
N CYS A 119 13.03 -11.16 -19.99
CA CYS A 119 12.01 -10.26 -19.45
C CYS A 119 12.56 -9.02 -18.81
N ALA A 120 13.86 -9.01 -18.44
CA ALA A 120 14.47 -7.86 -17.75
C ALA A 120 14.27 -6.53 -18.48
N PRO A 121 14.50 -6.42 -19.80
CA PRO A 121 14.27 -5.13 -20.48
C PRO A 121 12.80 -4.74 -20.71
N LEU A 122 11.90 -5.71 -20.65
CA LEU A 122 10.48 -5.48 -20.88
C LEU A 122 9.77 -5.01 -19.63
N THR A 123 8.78 -4.13 -19.77
CA THR A 123 7.97 -3.71 -18.63
C THR A 123 6.89 -4.80 -18.44
N VAL A 124 7.07 -5.63 -17.42
CA VAL A 124 6.17 -6.74 -17.16
C VAL A 124 5.04 -6.30 -16.24
N PHE A 125 3.79 -6.66 -16.57
CA PHE A 125 2.65 -6.35 -15.74
C PHE A 125 2.56 -7.44 -14.68
N PHE A 126 2.48 -7.05 -13.41
CA PHE A 126 2.37 -7.90 -12.24
C PHE A 126 1.07 -7.59 -11.52
N ASP A 127 0.41 -8.64 -11.05
CA ASP A 127 -0.85 -8.57 -10.34
C ASP A 127 -0.67 -9.08 -8.91
N GLY A 128 -0.67 -8.14 -7.97
CA GLY A 128 -0.52 -8.42 -6.55
C GLY A 128 -1.57 -9.35 -5.99
N ARG A 129 -2.70 -9.52 -6.70
CA ARG A 129 -3.72 -10.47 -6.28
C ARG A 129 -3.29 -11.94 -6.50
N VAL A 130 -2.21 -12.18 -7.24
CA VAL A 130 -1.68 -13.51 -7.48
C VAL A 130 -0.47 -13.68 -6.56
N ASP A 131 -0.42 -14.81 -5.85
CA ASP A 131 0.67 -15.13 -4.95
C ASP A 131 2.04 -15.06 -5.63
N GLY A 132 2.97 -14.37 -4.98
CA GLY A 132 4.34 -14.20 -5.46
C GLY A 132 4.58 -13.12 -6.49
N GLN A 133 3.52 -12.42 -6.98
CA GLN A 133 3.73 -11.42 -8.04
C GLN A 133 4.27 -10.11 -7.52
N VAL A 134 3.95 -9.70 -6.28
CA VAL A 134 4.59 -8.51 -5.68
C VAL A 134 6.12 -8.76 -5.57
N ASP A 135 6.50 -9.98 -5.17
CA ASP A 135 7.92 -10.33 -5.05
C ASP A 135 8.60 -10.32 -6.38
N LEU A 136 7.93 -10.83 -7.43
CA LEU A 136 8.48 -10.81 -8.78
C LEU A 136 8.65 -9.39 -9.30
N PHE A 137 7.78 -8.45 -8.88
CA PHE A 137 7.90 -7.06 -9.26
C PHE A 137 9.15 -6.45 -8.56
N ARG A 138 9.35 -6.71 -7.25
CA ARG A 138 10.52 -6.23 -6.51
C ARG A 138 11.82 -6.71 -7.17
N ASN A 139 11.81 -7.89 -7.76
CA ASN A 139 12.99 -8.43 -8.42
C ASN A 139 13.10 -8.07 -9.91
N ALA A 140 12.00 -7.66 -10.58
CA ALA A 140 11.97 -7.29 -11.99
C ALA A 140 12.76 -6.01 -12.24
N ARG A 141 13.48 -5.95 -13.36
CA ARG A 141 14.18 -4.72 -13.71
C ARG A 141 13.13 -3.68 -14.20
N ASN A 142 12.12 -4.13 -14.97
CA ASN A 142 11.06 -3.25 -15.48
C ASN A 142 9.71 -3.89 -15.23
N GLY A 143 8.76 -3.08 -14.80
CA GLY A 143 7.44 -3.60 -14.49
C GLY A 143 6.43 -2.61 -13.99
N VAL A 144 5.19 -3.04 -14.00
CA VAL A 144 4.04 -2.30 -13.50
C VAL A 144 3.32 -3.27 -12.61
N LEU A 145 2.99 -2.86 -11.40
CA LEU A 145 2.32 -3.69 -10.44
C LEU A 145 1.00 -3.08 -10.04
N ILE A 146 -0.05 -3.91 -9.92
CA ILE A 146 -1.29 -3.47 -9.32
C ILE A 146 -1.51 -4.27 -8.04
N THR A 147 -2.09 -3.61 -7.03
CA THR A 147 -2.44 -4.30 -5.80
C THR A 147 -3.78 -3.76 -5.30
N GLU A 148 -4.44 -4.54 -4.44
CA GLU A 148 -5.66 -4.11 -3.77
C GLU A 148 -5.38 -3.38 -2.42
N GLY A 149 -4.12 -3.37 -1.99
CA GLY A 149 -3.69 -2.74 -0.76
C GLY A 149 -2.22 -2.38 -0.72
N SER A 150 -1.77 -2.01 0.46
CA SER A 150 -0.45 -1.56 0.78
C SER A 150 0.67 -2.58 0.56
N VAL A 151 1.77 -2.15 -0.06
CA VAL A 151 2.97 -2.98 -0.19
C VAL A 151 4.00 -2.25 0.68
N LYS A 152 4.58 -2.93 1.69
CA LYS A 152 5.48 -2.30 2.65
C LYS A 152 6.64 -1.55 1.97
N GLY A 153 6.74 -0.26 2.27
CA GLY A 153 7.81 0.56 1.73
C GLY A 153 7.61 1.12 0.32
N LEU A 154 6.62 0.61 -0.45
CA LEU A 154 6.34 1.09 -1.81
C LEU A 154 5.30 2.18 -1.82
N GLN A 155 5.66 3.38 -2.31
CA GLN A 155 4.74 4.52 -2.37
C GLN A 155 3.71 4.26 -3.44
N PRO A 156 2.41 4.20 -3.08
CA PRO A 156 1.39 3.86 -4.08
C PRO A 156 0.88 5.04 -4.90
N SER A 157 0.26 4.69 -6.05
CA SER A 157 -0.44 5.64 -6.87
C SER A 157 -1.87 5.08 -6.97
N VAL A 158 -2.86 5.86 -6.51
CA VAL A 158 -4.25 5.42 -6.60
C VAL A 158 -4.71 5.47 -8.07
N GLY A 159 -5.08 4.33 -8.63
CA GLY A 159 -5.52 4.26 -10.01
C GLY A 159 -6.96 4.68 -10.20
N PRO A 160 -7.50 4.47 -11.41
CA PRO A 160 -8.91 4.82 -11.65
C PRO A 160 -9.87 3.94 -10.84
N LYS A 161 -11.06 4.46 -10.57
CA LYS A 161 -12.09 3.72 -9.84
C LYS A 161 -12.53 2.47 -10.61
N GLN A 162 -12.50 2.55 -11.96
CA GLN A 162 -12.97 1.51 -12.86
C GLN A 162 -11.87 0.61 -13.38
N ALA A 163 -12.28 -0.62 -13.70
CA ALA A 163 -11.45 -1.65 -14.31
C ALA A 163 -12.31 -2.42 -15.34
N SER A 164 -11.67 -3.18 -16.21
CA SER A 164 -12.33 -4.00 -17.18
C SER A 164 -12.54 -5.44 -16.65
N LEU A 165 -13.78 -5.91 -16.58
CA LEU A 165 -14.08 -7.28 -16.18
C LEU A 165 -14.74 -8.00 -17.37
N ASN A 166 -13.99 -8.86 -18.07
CA ASN A 166 -14.48 -9.57 -19.26
C ASN A 166 -14.98 -8.62 -20.33
N GLY A 167 -14.31 -7.48 -20.49
CA GLY A 167 -14.68 -6.48 -21.47
C GLY A 167 -15.72 -5.47 -21.02
N VAL A 168 -16.20 -5.58 -19.78
CA VAL A 168 -17.17 -4.65 -19.24
C VAL A 168 -16.42 -3.72 -18.31
N THR A 169 -16.32 -2.44 -18.66
CA THR A 169 -15.65 -1.46 -17.82
C THR A 169 -16.66 -1.11 -16.76
N LEU A 170 -16.24 -1.22 -15.49
CA LEU A 170 -17.14 -0.97 -14.40
C LEU A 170 -16.41 -0.56 -13.14
N ILE A 171 -17.16 0.07 -12.23
CA ILE A 171 -16.69 0.42 -10.92
C ILE A 171 -17.30 -0.66 -10.03
N GLY A 172 -16.44 -1.55 -9.56
CA GLY A 172 -16.83 -2.72 -8.80
C GLY A 172 -17.50 -2.48 -7.47
N GLU A 173 -18.59 -3.24 -7.24
CA GLU A 173 -19.31 -3.22 -5.96
C GLU A 173 -19.16 -4.57 -5.28
N ALA A 174 -19.20 -5.66 -6.05
CA ALA A 174 -19.01 -7.01 -5.53
C ALA A 174 -17.52 -7.47 -5.65
N VAL A 175 -16.71 -6.74 -6.43
CA VAL A 175 -15.29 -6.95 -6.69
C VAL A 175 -14.56 -5.60 -6.57
N LYS A 176 -13.26 -5.63 -6.33
CA LYS A 176 -12.47 -4.43 -6.22
C LYS A 176 -11.93 -4.11 -7.62
N THR A 177 -12.16 -2.88 -8.08
CA THR A 177 -11.67 -2.43 -9.39
C THR A 177 -10.66 -1.27 -9.24
N GLN A 178 -10.58 -0.62 -8.07
CA GLN A 178 -9.61 0.47 -7.85
C GLN A 178 -8.32 -0.09 -7.29
N PHE A 179 -7.24 -0.03 -8.08
CA PHE A 179 -5.96 -0.60 -7.67
C PHE A 179 -4.94 0.47 -7.33
N ASN A 180 -3.92 0.07 -6.55
CA ASN A 180 -2.75 0.87 -6.32
C ASN A 180 -1.85 0.47 -7.50
N TYR A 181 -1.18 1.45 -8.09
CA TYR A 181 -0.26 1.22 -9.18
C TYR A 181 1.16 1.54 -8.76
N TYR A 182 2.10 0.75 -9.26
CA TYR A 182 3.54 0.92 -9.03
C TYR A 182 4.27 0.65 -10.35
N LYS A 183 5.38 1.35 -10.59
CA LYS A 183 6.13 1.18 -11.83
C LYS A 183 7.61 1.21 -11.54
N LYS A 184 8.36 0.38 -12.25
CA LYS A 184 9.82 0.30 -12.14
C LYS A 184 10.42 0.48 -13.52
N VAL A 185 11.47 1.30 -13.62
CA VAL A 185 12.20 1.48 -14.86
C VAL A 185 13.68 1.28 -14.54
N ASP A 186 14.37 0.38 -15.26
CA ASP A 186 15.78 0.12 -15.07
C ASP A 186 16.19 -0.21 -13.63
N GLY A 187 15.38 -1.03 -12.98
CA GLY A 187 15.59 -1.48 -11.61
C GLY A 187 15.17 -0.50 -10.56
N VAL A 188 14.73 0.69 -10.96
CA VAL A 188 14.39 1.73 -10.01
C VAL A 188 12.92 2.07 -10.03
N VAL A 189 12.29 2.02 -8.84
CA VAL A 189 10.89 2.39 -8.68
C VAL A 189 10.69 3.85 -9.09
N GLN A 190 9.80 4.06 -10.02
CA GLN A 190 9.51 5.36 -10.56
C GLN A 190 8.27 5.93 -9.87
N GLN A 191 8.33 7.17 -9.51
CA GLN A 191 7.22 7.92 -8.94
C GLN A 191 6.20 8.20 -10.05
N LEU A 192 4.99 7.67 -9.92
CA LEU A 192 3.95 7.91 -10.87
C LEU A 192 3.41 9.31 -10.66
N PRO A 193 3.14 10.03 -11.76
CA PRO A 193 2.69 11.41 -11.62
C PRO A 193 1.26 11.57 -11.16
N GLU A 194 0.95 12.77 -10.62
CA GLU A 194 -0.42 13.16 -10.27
C GLU A 194 -1.19 13.22 -11.61
N THR A 195 -2.39 12.64 -11.65
CA THR A 195 -3.13 12.51 -12.88
C THR A 195 -4.61 12.61 -12.73
N TYR A 196 -5.25 13.01 -13.81
CA TYR A 196 -6.70 12.93 -13.93
C TYR A 196 -6.95 11.53 -14.55
N PHE A 197 -8.17 11.06 -14.49
CA PHE A 197 -8.53 9.80 -15.12
C PHE A 197 -9.71 10.01 -16.03
N THR A 198 -9.68 9.38 -17.21
CA THR A 198 -10.83 9.39 -18.10
C THR A 198 -11.89 8.48 -17.46
N GLN A 199 -13.17 8.77 -17.76
CA GLN A 199 -14.31 8.11 -17.14
C GLN A 199 -14.78 6.83 -17.84
N SER A 200 -14.28 6.56 -19.05
CA SER A 200 -14.57 5.35 -19.81
C SER A 200 -16.07 5.07 -20.07
N ARG A 201 -16.86 6.13 -20.25
CA ARG A 201 -18.28 6.00 -20.54
C ARG A 201 -18.56 5.80 -22.03
N ASN A 202 -19.77 5.31 -22.35
CA ASN A 202 -20.26 5.11 -23.73
C ASN A 202 -21.18 6.26 -24.07
N LEU A 203 -21.33 6.53 -25.35
CA LEU A 203 -22.23 7.59 -25.81
C LEU A 203 -23.72 7.23 -25.57
N GLN A 204 -24.09 5.98 -25.89
CA GLN A 204 -25.46 5.47 -25.80
C GLN A 204 -25.96 5.26 -24.38
N GLU A 205 -25.07 4.91 -23.44
CA GLU A 205 -25.47 4.69 -22.05
C GLU A 205 -24.72 5.62 -21.12
N PHE A 206 -24.60 6.90 -21.50
CA PHE A 206 -23.87 7.87 -20.71
C PHE A 206 -24.60 8.27 -19.43
N LYS A 207 -23.91 8.16 -18.30
CA LYS A 207 -24.48 8.56 -17.03
C LYS A 207 -23.64 9.66 -16.38
N PRO A 208 -24.29 10.74 -15.92
CA PRO A 208 -23.55 11.80 -15.23
C PRO A 208 -22.99 11.32 -13.88
N ARG A 209 -21.79 11.80 -13.49
CA ARG A 209 -21.16 11.37 -12.25
C ARG A 209 -20.86 12.54 -11.29
N SER A 210 -21.63 13.62 -11.41
CA SER A 210 -21.51 14.80 -10.57
C SER A 210 -22.74 15.71 -10.76
N GLN A 211 -22.97 16.66 -9.84
CA GLN A 211 -24.09 17.59 -10.00
C GLN A 211 -23.89 18.48 -11.23
N MET A 212 -22.63 18.85 -11.53
CA MET A 212 -22.32 19.65 -12.70
C MET A 212 -22.68 18.91 -13.98
N GLU A 213 -22.38 17.61 -14.02
CA GLU A 213 -22.71 16.78 -15.18
C GLU A 213 -24.20 16.60 -15.34
N ILE A 214 -24.94 16.50 -14.22
CA ILE A 214 -26.41 16.41 -14.26
C ILE A 214 -26.97 17.72 -14.83
N ASP A 215 -26.40 18.87 -14.40
CA ASP A 215 -26.77 20.21 -14.84
C ASP A 215 -26.44 20.47 -16.31
N PHE A 216 -25.36 19.86 -16.82
CA PHE A 216 -25.00 20.03 -18.23
C PHE A 216 -26.02 19.33 -19.12
N LEU A 217 -26.41 18.10 -18.73
CA LEU A 217 -27.38 17.32 -19.49
C LEU A 217 -28.81 17.85 -19.36
N GLU A 218 -29.18 18.40 -18.20
CA GLU A 218 -30.55 18.91 -18.00
C GLU A 218 -30.74 20.36 -18.45
N LEU A 219 -29.85 21.26 -18.02
CA LEU A 219 -29.94 22.69 -18.34
C LEU A 219 -29.57 23.03 -19.78
N ALA A 220 -30.19 24.10 -20.30
CA ALA A 220 -29.90 24.69 -21.61
C ALA A 220 -28.48 25.27 -21.59
N MET A 221 -27.85 25.39 -22.75
CA MET A 221 -26.48 25.89 -22.86
C MET A 221 -26.21 27.19 -22.09
N ASP A 222 -27.01 28.24 -22.32
CA ASP A 222 -26.80 29.54 -21.71
C ASP A 222 -26.99 29.55 -20.18
N GLU A 223 -27.95 28.77 -19.66
CA GLU A 223 -28.17 28.73 -18.22
C GLU A 223 -27.13 27.87 -17.49
N PHE A 224 -26.58 26.82 -18.16
CA PHE A 224 -25.50 26.05 -17.54
C PHE A 224 -24.24 26.92 -17.46
N ILE A 225 -23.90 27.60 -18.57
CA ILE A 225 -22.73 28.47 -18.63
C ILE A 225 -22.85 29.60 -17.59
N GLU A 226 -24.07 30.13 -17.38
CA GLU A 226 -24.28 31.16 -16.38
C GLU A 226 -24.12 30.60 -14.96
N ARG A 227 -24.78 29.46 -14.66
CA ARG A 227 -24.71 28.82 -13.34
C ARG A 227 -23.27 28.51 -12.91
N TYR A 228 -22.46 28.00 -13.83
CA TYR A 228 -21.09 27.61 -13.49
C TYR A 228 -20.03 28.65 -13.83
N LYS A 229 -20.44 29.89 -14.11
CA LYS A 229 -19.54 31.02 -14.41
C LYS A 229 -18.53 30.67 -15.51
N LEU A 230 -19.02 30.10 -16.62
CA LEU A 230 -18.16 29.67 -17.71
C LEU A 230 -18.12 30.63 -18.90
N GLU A 231 -18.56 31.88 -18.72
CA GLU A 231 -18.52 32.89 -19.78
C GLU A 231 -17.07 33.18 -20.16
N GLY A 232 -16.77 33.18 -21.46
CA GLY A 232 -15.42 33.44 -21.93
C GLY A 232 -14.52 32.21 -22.01
N TYR A 233 -15.07 31.02 -21.71
CA TYR A 233 -14.30 29.78 -21.75
C TYR A 233 -14.60 28.89 -22.97
N ALA A 234 -15.37 29.41 -23.94
CA ALA A 234 -15.74 28.78 -25.21
C ALA A 234 -16.36 27.38 -25.10
N PHE A 235 -17.17 27.15 -24.05
CA PHE A 235 -17.87 25.86 -23.90
C PHE A 235 -18.87 25.65 -25.04
N GLU A 236 -19.45 26.74 -25.58
CA GLU A 236 -20.37 26.74 -26.72
C GLU A 236 -19.73 25.99 -27.90
N HIS A 237 -18.43 26.26 -28.14
CA HIS A 237 -17.64 25.63 -29.19
C HIS A 237 -17.07 24.25 -28.76
N ILE A 238 -16.20 24.24 -27.72
CA ILE A 238 -15.49 23.06 -27.19
C ILE A 238 -16.38 21.91 -26.72
N VAL A 239 -17.36 22.20 -25.85
CA VAL A 239 -18.16 21.15 -25.24
C VAL A 239 -19.51 20.92 -25.93
N TYR A 240 -20.26 21.98 -26.22
CA TYR A 240 -21.56 21.85 -26.86
C TYR A 240 -21.45 21.50 -28.34
N GLY A 241 -20.46 22.08 -29.01
CA GLY A 241 -20.25 21.85 -30.43
C GLY A 241 -20.96 22.86 -31.30
N ASP A 242 -20.33 23.21 -32.42
CA ASP A 242 -20.86 24.14 -33.38
C ASP A 242 -21.23 23.36 -34.64
N PHE A 243 -22.51 23.28 -34.95
CA PHE A 243 -22.97 22.54 -36.13
C PHE A 243 -23.47 23.45 -37.23
N SER A 244 -23.08 24.74 -37.23
CA SER A 244 -23.58 25.71 -38.22
C SER A 244 -22.80 25.76 -39.52
N HIS A 245 -21.54 25.33 -39.53
CA HIS A 245 -20.73 25.33 -40.74
C HIS A 245 -20.47 23.90 -41.23
N SER A 246 -19.95 23.75 -42.47
CA SER A 246 -19.66 22.43 -43.01
C SER A 246 -18.67 21.67 -42.13
N GLN A 247 -17.69 22.38 -41.54
CA GLN A 247 -16.79 21.78 -40.59
C GLN A 247 -17.37 21.93 -39.17
N LEU A 248 -17.65 20.78 -38.52
CA LEU A 248 -18.15 20.70 -37.15
C LEU A 248 -17.11 21.34 -36.22
N GLY A 249 -17.55 22.28 -35.40
CA GLY A 249 -16.67 23.02 -34.50
C GLY A 249 -16.67 22.45 -33.11
N GLY A 250 -15.49 22.32 -32.54
CA GLY A 250 -15.29 21.80 -31.19
C GLY A 250 -15.80 20.38 -31.01
N LEU A 251 -16.59 20.17 -29.95
CA LEU A 251 -17.17 18.86 -29.59
C LEU A 251 -16.06 17.86 -29.22
N HIS A 252 -15.29 18.18 -28.19
CA HIS A 252 -14.18 17.35 -27.78
C HIS A 252 -14.39 16.62 -26.45
N LEU A 253 -15.50 16.88 -25.73
CA LEU A 253 -15.77 16.20 -24.46
C LEU A 253 -16.91 15.23 -24.70
N LEU A 254 -16.75 13.96 -24.24
CA LEU A 254 -17.78 12.95 -24.41
C LEU A 254 -19.17 13.38 -23.93
N ILE A 255 -19.26 14.06 -22.78
CA ILE A 255 -20.54 14.54 -22.27
C ILE A 255 -21.31 15.43 -23.29
N GLY A 256 -20.59 16.25 -24.06
CA GLY A 256 -21.21 17.10 -25.08
C GLY A 256 -21.78 16.29 -26.21
N LEU A 257 -21.08 15.23 -26.62
CA LEU A 257 -21.55 14.32 -27.65
C LEU A 257 -22.79 13.59 -27.13
N ALA A 258 -22.80 13.18 -25.84
CA ALA A 258 -23.93 12.47 -25.22
C ALA A 258 -25.17 13.36 -25.15
N LYS A 259 -24.99 14.67 -24.88
CA LYS A 259 -26.10 15.61 -24.83
C LYS A 259 -26.72 15.75 -26.23
N ARG A 260 -25.86 15.87 -27.26
CA ARG A 260 -26.27 16.00 -28.65
C ARG A 260 -27.00 14.74 -29.11
N PHE A 261 -26.47 13.57 -28.75
CA PHE A 261 -27.01 12.26 -29.09
C PHE A 261 -28.48 12.05 -28.67
N LYS A 262 -28.87 12.63 -27.52
CA LYS A 262 -30.24 12.56 -27.03
C LYS A 262 -31.20 13.26 -27.99
N GLU A 263 -30.78 14.39 -28.57
CA GLU A 263 -31.63 15.13 -29.49
C GLU A 263 -31.50 14.66 -30.96
N SER A 264 -30.28 14.65 -31.49
CA SER A 264 -30.01 14.28 -32.88
C SER A 264 -28.91 13.21 -32.91
N PRO A 265 -29.08 12.17 -33.75
CA PRO A 265 -28.02 11.16 -33.86
C PRO A 265 -26.89 11.63 -34.78
N PHE A 266 -25.76 10.93 -34.74
CA PHE A 266 -24.63 11.22 -35.60
C PHE A 266 -23.74 9.99 -35.76
N GLU A 267 -22.93 9.97 -36.82
CA GLU A 267 -22.02 8.86 -37.05
C GLU A 267 -20.65 9.21 -36.52
N LEU A 268 -20.06 8.29 -35.75
CA LEU A 268 -18.70 8.43 -35.25
C LEU A 268 -17.91 7.32 -35.89
N GLU A 269 -17.03 7.64 -36.82
CA GLU A 269 -16.19 6.62 -37.42
C GLU A 269 -14.90 6.49 -36.61
N ASP A 270 -14.78 5.39 -35.89
CA ASP A 270 -13.63 5.04 -35.08
C ASP A 270 -12.57 4.44 -36.04
N PHE A 271 -11.81 5.30 -36.75
CA PHE A 271 -10.86 4.85 -37.77
C PHE A 271 -9.55 4.19 -37.22
N ILE A 272 -9.24 4.33 -35.92
CA ILE A 272 -8.12 3.61 -35.29
C ILE A 272 -8.76 2.89 -34.09
N PRO A 273 -9.45 1.74 -34.31
CA PRO A 273 -10.18 1.11 -33.19
C PRO A 273 -9.29 0.41 -32.15
N MET A 274 -9.07 1.11 -31.08
CA MET A 274 -8.26 0.65 -29.97
C MET A 274 -8.60 1.51 -28.75
N ASP A 275 -8.26 1.01 -27.58
CA ASP A 275 -8.49 1.74 -26.35
C ASP A 275 -7.43 2.85 -26.25
N SER A 276 -7.85 4.10 -26.10
CA SER A 276 -6.90 5.18 -25.86
C SER A 276 -7.54 6.34 -25.08
N THR A 277 -6.71 7.05 -24.30
CA THR A 277 -7.10 8.18 -23.45
C THR A 277 -7.84 9.22 -24.26
N VAL A 278 -7.30 9.55 -25.44
CA VAL A 278 -7.97 10.43 -26.37
C VAL A 278 -8.36 9.61 -27.59
N LYS A 279 -9.60 9.72 -28.02
CA LYS A 279 -10.08 8.99 -29.18
C LYS A 279 -10.30 9.94 -30.36
N ASN A 280 -9.97 9.51 -31.58
CA ASN A 280 -10.19 10.32 -32.77
C ASN A 280 -11.32 9.73 -33.61
N TYR A 281 -12.32 10.55 -33.95
CA TYR A 281 -13.44 10.08 -34.76
C TYR A 281 -13.69 10.94 -35.97
N PHE A 282 -14.12 10.32 -37.06
CA PHE A 282 -14.55 11.07 -38.24
C PHE A 282 -16.04 11.21 -37.95
N ILE A 283 -16.48 12.38 -37.47
CA ILE A 283 -17.88 12.59 -37.12
C ILE A 283 -18.71 13.22 -38.25
N THR A 284 -19.98 12.80 -38.42
CA THR A 284 -20.93 13.36 -39.38
C THR A 284 -22.23 13.54 -38.61
N ASP A 285 -22.65 14.77 -38.41
CA ASP A 285 -23.90 15.06 -37.71
C ASP A 285 -25.07 14.81 -38.67
N ALA A 286 -25.98 13.89 -38.32
CA ALA A 286 -27.09 13.54 -39.21
C ALA A 286 -28.09 14.66 -39.42
N GLN A 287 -28.38 15.47 -38.40
CA GLN A 287 -29.35 16.55 -38.54
C GLN A 287 -28.89 17.66 -39.49
N THR A 288 -27.66 18.14 -39.31
CA THR A 288 -27.15 19.28 -40.07
C THR A 288 -26.24 18.96 -41.25
N GLY A 289 -25.55 17.83 -41.23
CA GLY A 289 -24.54 17.55 -42.25
C GLY A 289 -23.19 18.18 -41.91
N SER A 290 -23.07 18.76 -40.71
CA SER A 290 -21.81 19.31 -40.22
C SER A 290 -20.90 18.10 -39.94
N SER A 291 -19.64 18.14 -40.41
CA SER A 291 -18.74 17.00 -40.21
C SER A 291 -17.28 17.40 -39.93
N LYS A 292 -16.47 16.47 -39.40
CA LYS A 292 -15.06 16.71 -39.11
C LYS A 292 -14.30 15.39 -39.24
N CYS A 293 -13.26 15.34 -40.09
CA CYS A 293 -12.45 14.13 -40.33
C CYS A 293 -11.79 13.61 -39.07
N VAL A 294 -11.17 14.48 -38.29
CA VAL A 294 -10.47 14.11 -37.08
C VAL A 294 -10.99 14.93 -35.91
N CYS A 295 -11.94 14.36 -35.18
CA CYS A 295 -12.50 15.02 -34.01
C CYS A 295 -11.99 14.30 -32.79
N SER A 296 -11.04 14.91 -32.09
CA SER A 296 -10.48 14.32 -30.87
C SER A 296 -11.52 14.42 -29.75
N VAL A 297 -11.79 13.33 -29.08
CA VAL A 297 -12.77 13.26 -28.01
C VAL A 297 -12.14 12.62 -26.79
N ILE A 298 -12.34 13.23 -25.65
CA ILE A 298 -11.86 12.72 -24.38
C ILE A 298 -13.05 12.66 -23.42
N ASP A 299 -13.09 11.61 -22.59
CA ASP A 299 -14.14 11.49 -21.61
C ASP A 299 -13.60 11.85 -20.25
N LEU A 300 -13.61 13.12 -19.94
CA LEU A 300 -13.21 13.60 -18.62
C LEU A 300 -14.49 13.91 -17.87
N LEU A 301 -14.45 13.86 -16.54
CA LEU A 301 -15.58 14.33 -15.72
C LEU A 301 -15.68 15.85 -15.99
N LEU A 302 -16.86 16.40 -16.26
CA LEU A 302 -16.98 17.82 -16.62
C LEU A 302 -16.30 18.76 -15.62
N ASP A 303 -16.31 18.40 -14.32
CA ASP A 303 -15.66 19.17 -13.26
C ASP A 303 -14.16 19.21 -13.46
N ASP A 304 -13.57 18.08 -13.88
CA ASP A 304 -12.13 17.98 -14.13
C ASP A 304 -11.74 18.81 -15.33
N PHE A 305 -12.56 18.78 -16.40
CA PHE A 305 -12.31 19.57 -17.60
C PHE A 305 -12.41 21.08 -17.28
N VAL A 306 -13.41 21.47 -16.48
CA VAL A 306 -13.62 22.86 -16.04
C VAL A 306 -12.40 23.30 -15.21
N GLU A 307 -11.91 22.45 -14.30
CA GLU A 307 -10.74 22.74 -13.49
C GLU A 307 -9.50 22.95 -14.38
N ILE A 308 -9.28 22.06 -15.37
CA ILE A 308 -8.16 22.19 -16.31
C ILE A 308 -8.23 23.52 -17.07
N ILE A 309 -9.38 23.82 -17.72
CA ILE A 309 -9.51 25.02 -18.54
C ILE A 309 -9.45 26.30 -17.69
N LYS A 310 -10.01 26.29 -16.48
CA LYS A 310 -9.96 27.46 -15.59
C LYS A 310 -8.58 27.68 -14.95
N SER A 311 -7.67 26.71 -15.05
CA SER A 311 -6.33 26.82 -14.49
C SER A 311 -5.29 27.25 -15.54
N GLN A 312 -5.73 27.75 -16.70
CA GLN A 312 -4.81 28.16 -17.75
C GLN A 312 -4.69 29.65 -17.89
N ASP A 313 -3.52 30.10 -18.33
CA ASP A 313 -3.28 31.49 -18.60
C ASP A 313 -3.90 31.78 -19.96
N LEU A 314 -4.80 32.78 -20.04
CA LEU A 314 -5.48 33.10 -21.29
C LEU A 314 -4.93 34.35 -22.00
N SER A 315 -3.63 34.66 -21.83
CA SER A 315 -3.05 35.87 -22.43
C SER A 315 -2.26 35.67 -23.73
N VAL A 316 -2.11 34.43 -24.23
CA VAL A 316 -1.36 34.19 -25.47
C VAL A 316 -2.27 33.66 -26.57
N VAL A 317 -2.00 34.02 -27.83
CA VAL A 317 -2.77 33.57 -28.98
C VAL A 317 -2.88 32.03 -29.04
N SER A 318 -1.76 31.33 -29.01
CA SER A 318 -1.77 29.87 -29.06
C SER A 318 -0.66 29.26 -28.25
N LYS A 319 -0.94 28.14 -27.58
CA LYS A 319 0.06 27.42 -26.80
C LYS A 319 -0.34 25.98 -26.50
N VAL A 320 0.66 25.15 -26.25
CA VAL A 320 0.44 23.77 -25.89
C VAL A 320 0.28 23.69 -24.38
N VAL A 321 -0.79 23.05 -23.94
CA VAL A 321 -1.12 22.84 -22.53
C VAL A 321 -1.01 21.34 -22.29
N LYS A 322 -0.05 20.93 -21.47
CA LYS A 322 0.14 19.52 -21.18
C LYS A 322 -0.56 19.12 -19.88
N VAL A 323 -1.42 18.10 -19.93
CA VAL A 323 -2.19 17.67 -18.77
C VAL A 323 -2.01 16.18 -18.60
N THR A 324 -1.61 15.73 -17.38
CA THR A 324 -1.48 14.29 -17.13
C THR A 324 -2.88 13.68 -16.96
N ILE A 325 -3.20 12.73 -17.83
CA ILE A 325 -4.48 12.04 -17.85
C ILE A 325 -4.18 10.56 -18.11
N ASP A 326 -4.65 9.68 -17.21
CA ASP A 326 -4.42 8.25 -17.31
C ASP A 326 -2.93 7.92 -17.30
N TYR A 327 -2.14 8.72 -16.53
CA TYR A 327 -0.68 8.62 -16.34
C TYR A 327 0.13 9.11 -17.56
N THR A 328 -0.52 9.51 -18.65
CA THR A 328 0.17 9.97 -19.84
C THR A 328 0.03 11.49 -19.99
N GLU A 329 1.02 12.14 -20.62
CA GLU A 329 0.92 13.58 -20.85
C GLU A 329 0.12 13.84 -22.13
N ILE A 330 -1.08 14.40 -21.97
CA ILE A 330 -1.92 14.74 -23.10
C ILE A 330 -1.67 16.20 -23.44
N SER A 331 -1.31 16.47 -24.70
CA SER A 331 -1.09 17.83 -25.17
C SER A 331 -2.40 18.39 -25.70
N PHE A 332 -2.76 19.58 -25.24
CA PHE A 332 -3.94 20.28 -25.67
C PHE A 332 -3.48 21.55 -26.36
N MET A 333 -4.26 22.01 -27.30
CA MET A 333 -3.99 23.25 -27.98
C MET A 333 -4.95 24.29 -27.42
N LEU A 334 -4.42 25.37 -26.88
CA LEU A 334 -5.23 26.43 -26.30
C LEU A 334 -5.10 27.69 -27.14
N TRP A 335 -6.21 28.16 -27.67
CA TRP A 335 -6.26 29.34 -28.50
C TRP A 335 -7.06 30.41 -27.82
N CYS A 336 -6.46 31.57 -27.59
CA CYS A 336 -7.13 32.67 -26.91
C CYS A 336 -7.15 33.95 -27.74
N LYS A 337 -8.03 34.89 -27.36
CA LYS A 337 -8.18 36.21 -27.96
C LYS A 337 -8.77 37.12 -26.91
N ASP A 338 -8.13 38.28 -26.67
CA ASP A 338 -8.58 39.31 -25.71
C ASP A 338 -8.93 38.76 -24.31
N GLY A 339 -8.15 37.79 -23.84
CA GLY A 339 -8.35 37.21 -22.52
C GLY A 339 -9.42 36.16 -22.40
N HIS A 340 -10.00 35.75 -23.54
CA HIS A 340 -11.01 34.70 -23.55
C HIS A 340 -10.56 33.52 -24.40
N VAL A 341 -11.08 32.32 -24.10
CA VAL A 341 -10.77 31.14 -24.89
C VAL A 341 -11.53 31.21 -26.22
N GLU A 342 -10.89 30.75 -27.30
CA GLU A 342 -11.51 30.60 -28.60
C GLU A 342 -11.73 29.07 -28.78
N THR A 343 -10.67 28.28 -28.57
CA THR A 343 -10.76 26.82 -28.59
C THR A 343 -9.70 26.18 -27.69
N PHE A 344 -9.98 24.96 -27.25
CA PHE A 344 -9.10 24.17 -26.39
C PHE A 344 -9.40 22.74 -26.75
N TYR A 345 -8.43 22.02 -27.31
CA TYR A 345 -8.67 20.66 -27.77
C TYR A 345 -7.49 19.74 -27.64
N PRO A 346 -7.72 18.42 -27.45
CA PRO A 346 -6.59 17.48 -27.42
C PRO A 346 -5.87 17.52 -28.77
N LYS A 347 -4.66 18.12 -28.79
CA LYS A 347 -3.78 18.35 -29.96
C LYS A 347 -3.55 17.12 -30.82
N LEU A 348 -3.95 17.23 -32.10
CA LEU A 348 -3.86 16.17 -33.10
C LEU A 348 -2.41 16.08 -33.58
N GLN A 349 -1.73 14.95 -33.25
CA GLN A 349 -0.32 14.73 -33.59
C GLN A 349 -0.14 14.31 -35.07
N ALA B 2 -10.06 -11.49 48.56
CA ALA B 2 -9.69 -10.53 49.60
C ALA B 2 -8.35 -9.89 49.26
N MET B 3 -8.38 -8.95 48.32
CA MET B 3 -7.20 -8.23 47.88
C MET B 3 -6.73 -7.23 48.95
N SER B 4 -5.43 -7.17 49.16
CA SER B 4 -4.86 -6.28 50.18
C SER B 4 -3.41 -5.98 49.91
N LEU B 5 -2.94 -4.87 50.46
CA LEU B 5 -1.56 -4.45 50.33
C LEU B 5 -0.61 -5.53 50.92
N GLU B 6 -0.97 -6.03 52.10
CA GLU B 6 -0.21 -7.04 52.84
C GLU B 6 -0.19 -8.39 52.13
N ASN B 7 -1.29 -8.74 51.46
CA ASN B 7 -1.36 -9.95 50.67
C ASN B 7 -0.52 -9.83 49.40
N VAL B 8 -0.54 -8.67 48.72
CA VAL B 8 0.28 -8.42 47.53
C VAL B 8 1.76 -8.53 47.93
N ALA B 9 2.15 -7.86 49.02
CA ALA B 9 3.50 -7.92 49.56
C ALA B 9 3.92 -9.36 49.91
N PHE B 10 3.01 -10.16 50.52
CA PHE B 10 3.28 -11.56 50.83
C PHE B 10 3.62 -12.34 49.55
N ASN B 11 2.83 -12.12 48.50
CA ASN B 11 3.04 -12.79 47.23
C ASN B 11 4.37 -12.39 46.63
N VAL B 12 4.72 -11.11 46.65
CA VAL B 12 6.00 -10.64 46.11
C VAL B 12 7.18 -11.30 46.87
N VAL B 13 7.14 -11.24 48.21
CA VAL B 13 8.18 -11.82 49.06
C VAL B 13 8.35 -13.32 48.82
N ASN B 14 7.24 -14.07 48.77
CA ASN B 14 7.30 -15.53 48.67
C ASN B 14 7.27 -16.16 47.30
N LYS B 15 6.64 -15.50 46.34
CA LYS B 15 6.44 -16.03 44.98
C LYS B 15 7.14 -15.23 43.88
N GLY B 16 7.78 -14.13 44.24
CA GLY B 16 8.49 -13.29 43.28
C GLY B 16 7.59 -12.37 42.46
N HIS B 17 6.28 -12.44 42.68
CA HIS B 17 5.24 -11.67 41.97
C HIS B 17 3.87 -12.09 42.57
N PHE B 18 2.76 -11.45 42.12
CA PHE B 18 1.45 -11.83 42.61
C PHE B 18 1.09 -13.20 42.01
N ASP B 19 0.76 -14.16 42.88
CA ASP B 19 0.45 -15.51 42.44
C ASP B 19 -0.86 -16.06 43.06
N GLY B 20 -1.71 -15.19 43.59
CA GLY B 20 -2.98 -15.58 44.18
C GLY B 20 -2.86 -16.35 45.49
N GLN B 21 -1.68 -16.32 46.13
CA GLN B 21 -1.45 -17.05 47.37
C GLN B 21 -2.00 -16.33 48.57
N GLN B 22 -2.57 -17.07 49.52
CA GLN B 22 -3.07 -16.47 50.75
C GLN B 22 -1.89 -16.15 51.66
N GLY B 23 -2.01 -15.09 52.44
CA GLY B 23 -0.96 -14.71 53.38
C GLY B 23 -0.75 -13.22 53.46
N GLU B 24 -0.08 -12.77 54.52
CA GLU B 24 0.18 -11.35 54.75
C GLU B 24 1.56 -11.16 55.35
N VAL B 25 2.26 -10.08 54.99
CA VAL B 25 3.52 -9.69 55.60
C VAL B 25 3.36 -8.23 56.05
N PRO B 26 4.07 -7.80 57.11
CA PRO B 26 3.95 -6.40 57.53
C PRO B 26 4.56 -5.50 56.48
N VAL B 27 3.91 -4.37 56.23
CA VAL B 27 4.36 -3.45 55.19
C VAL B 27 4.40 -2.04 55.73
N SER B 28 5.39 -1.28 55.30
CA SER B 28 5.42 0.15 55.57
C SER B 28 5.56 0.92 54.26
N ILE B 29 4.79 1.98 54.13
CA ILE B 29 4.86 2.82 52.94
C ILE B 29 5.48 4.15 53.33
N ILE B 30 6.59 4.54 52.69
CA ILE B 30 7.26 5.82 52.99
C ILE B 30 7.68 6.46 51.70
N ASN B 31 7.48 7.77 51.45
N ASN B 31 6.97 7.57 51.46
CA ASN B 31 7.96 8.46 50.21
CA ASN B 31 6.90 8.43 50.31
C ASN B 31 8.25 7.57 48.94
C ASN B 31 6.31 7.57 49.18
N ASN B 32 7.16 7.11 48.31
CA ASN B 32 6.95 6.29 47.13
C ASN B 32 7.59 4.93 47.16
N THR B 33 7.93 4.44 48.33
CA THR B 33 8.58 3.15 48.47
C THR B 33 7.77 2.23 49.38
N VAL B 34 7.69 0.97 49.01
CA VAL B 34 7.04 -0.04 49.80
C VAL B 34 8.13 -0.88 50.48
N TYR B 35 8.05 -1.05 51.80
CA TYR B 35 8.99 -1.87 52.53
C TYR B 35 8.24 -3.00 53.22
N THR B 36 8.97 -4.08 53.53
CA THR B 36 8.46 -5.15 54.36
C THR B 36 9.46 -5.39 55.51
N LYS B 37 8.97 -5.80 56.69
CA LYS B 37 9.84 -6.09 57.80
C LYS B 37 10.31 -7.52 57.65
N VAL B 38 11.62 -7.71 57.71
CA VAL B 38 12.26 -9.02 57.69
C VAL B 38 13.23 -9.05 58.85
N ASP B 39 12.91 -9.84 59.91
CA ASP B 39 13.75 -9.97 61.10
C ASP B 39 14.00 -8.62 61.77
N GLY B 40 12.95 -7.85 61.92
CA GLY B 40 13.04 -6.56 62.57
C GLY B 40 13.56 -5.40 61.75
N VAL B 41 14.11 -5.64 60.54
CA VAL B 41 14.58 -4.52 59.69
C VAL B 41 13.74 -4.39 58.44
N ASP B 42 13.65 -3.15 57.91
CA ASP B 42 12.87 -2.89 56.70
C ASP B 42 13.63 -3.21 55.44
N VAL B 43 12.95 -3.83 54.48
CA VAL B 43 13.55 -4.23 53.22
C VAL B 43 12.70 -3.66 52.11
N GLU B 44 13.33 -2.95 51.19
CA GLU B 44 12.61 -2.36 50.07
C GLU B 44 12.06 -3.41 49.09
N LEU B 45 10.76 -3.36 48.83
CA LEU B 45 10.12 -4.25 47.87
C LEU B 45 9.87 -3.56 46.55
N PHE B 46 9.57 -2.25 46.58
CA PHE B 46 9.21 -1.54 45.38
C PHE B 46 9.38 -0.05 45.52
N GLU B 47 9.90 0.57 44.48
CA GLU B 47 9.96 2.03 44.42
C GLU B 47 9.08 2.48 43.26
N ASN B 48 8.07 3.28 43.58
CA ASN B 48 7.15 3.82 42.60
C ASN B 48 7.79 4.87 41.71
N LYS B 49 7.90 4.57 40.41
CA LYS B 49 8.37 5.52 39.38
C LYS B 49 7.18 5.99 38.49
N THR B 50 5.93 5.62 38.83
CA THR B 50 4.73 5.93 38.07
C THR B 50 4.05 7.20 38.63
N THR B 51 3.03 7.67 37.92
CA THR B 51 2.21 8.77 38.37
C THR B 51 0.95 8.27 39.15
N LEU B 52 0.87 6.96 39.45
CA LEU B 52 -0.22 6.36 40.22
C LEU B 52 0.20 6.40 41.71
N PRO B 53 -0.77 6.29 42.63
CA PRO B 53 -0.40 6.16 44.06
C PRO B 53 0.48 4.92 44.26
N VAL B 54 1.50 5.04 45.11
CA VAL B 54 2.49 3.99 45.40
C VAL B 54 1.89 2.61 45.62
N ASN B 55 0.84 2.48 46.46
CA ASN B 55 0.28 1.15 46.75
C ASN B 55 -0.44 0.54 45.53
N VAL B 56 -1.03 1.40 44.71
CA VAL B 56 -1.72 1.00 43.48
C VAL B 56 -0.66 0.54 42.46
N ALA B 57 0.42 1.33 42.27
CA ALA B 57 1.47 0.97 41.34
C ALA B 57 2.15 -0.33 41.74
N PHE B 58 2.34 -0.54 43.07
CA PHE B 58 2.93 -1.76 43.62
C PHE B 58 2.08 -2.95 43.25
N GLU B 59 0.75 -2.84 43.41
CA GLU B 59 -0.15 -3.94 43.05
C GLU B 59 -0.13 -4.29 41.54
N LEU B 60 -0.17 -3.26 40.66
CA LEU B 60 -0.14 -3.50 39.22
C LEU B 60 1.20 -4.11 38.79
N TRP B 61 2.30 -3.67 39.40
CA TRP B 61 3.61 -4.22 39.11
C TRP B 61 3.66 -5.70 39.58
N ALA B 62 3.17 -5.99 40.80
CA ALA B 62 3.11 -7.38 41.29
C ALA B 62 2.26 -8.24 40.36
N LYS B 63 1.18 -7.66 39.78
CA LYS B 63 0.27 -8.40 38.89
C LYS B 63 0.66 -8.33 37.43
N ARG B 64 1.90 -7.97 37.12
CA ARG B 64 2.36 -7.86 35.74
C ARG B 64 2.38 -9.23 35.08
N ASN B 65 2.25 -9.23 33.76
CA ASN B 65 2.28 -10.43 32.96
C ASN B 65 3.73 -10.90 32.92
N ILE B 66 3.95 -12.14 33.33
CA ILE B 66 5.28 -12.74 33.36
C ILE B 66 5.51 -13.75 32.22
N LYS B 67 4.63 -13.79 31.23
CA LYS B 67 4.82 -14.62 30.05
C LYS B 67 5.41 -13.72 29.00
N PRO B 68 6.03 -14.22 27.89
CA PRO B 68 6.46 -13.31 26.81
C PRO B 68 5.22 -12.58 26.27
N VAL B 69 5.28 -11.26 26.23
CA VAL B 69 4.16 -10.46 25.74
C VAL B 69 4.65 -9.56 24.62
N PRO B 70 3.74 -9.09 23.73
CA PRO B 70 4.16 -8.12 22.70
C PRO B 70 4.87 -6.90 23.32
N GLU B 71 5.90 -6.38 22.65
CA GLU B 71 6.57 -5.16 23.13
C GLU B 71 5.58 -4.01 23.11
N VAL B 72 5.64 -3.12 24.12
CA VAL B 72 4.72 -1.98 24.22
C VAL B 72 4.60 -1.17 22.90
N LYS B 73 5.72 -0.95 22.16
CA LYS B 73 5.64 -0.23 20.88
C LYS B 73 4.64 -0.88 19.89
N ILE B 74 4.56 -2.23 19.84
CA ILE B 74 3.61 -2.97 19.00
C ILE B 74 2.16 -2.75 19.47
N LEU B 75 1.91 -2.87 20.77
CA LEU B 75 0.58 -2.67 21.33
C LEU B 75 0.09 -1.24 21.05
N ASN B 76 0.97 -0.25 21.27
CA ASN B 76 0.68 1.16 21.01
C ASN B 76 0.36 1.39 19.55
N ASN B 77 1.20 0.85 18.64
CA ASN B 77 1.02 1.02 17.21
C ASN B 77 -0.30 0.41 16.71
N LEU B 78 -0.77 -0.66 17.36
CA LEU B 78 -2.03 -1.31 17.04
C LEU B 78 -3.25 -0.66 17.72
N GLY B 79 -3.04 0.41 18.49
CA GLY B 79 -4.10 1.13 19.20
C GLY B 79 -4.66 0.44 20.42
N VAL B 80 -3.87 -0.43 21.08
CA VAL B 80 -4.36 -1.12 22.28
C VAL B 80 -4.54 -0.10 23.43
N ASP B 81 -5.73 -0.06 24.01
CA ASP B 81 -6.05 0.87 25.09
C ASP B 81 -5.88 0.25 26.49
N ILE B 82 -6.21 -1.04 26.60
CA ILE B 82 -6.29 -1.75 27.87
C ILE B 82 -6.11 -3.25 27.61
N ALA B 83 -5.74 -4.02 28.64
CA ALA B 83 -5.56 -5.45 28.49
C ALA B 83 -6.64 -6.20 29.25
N ALA B 84 -7.06 -7.36 28.71
CA ALA B 84 -8.03 -8.20 29.38
C ALA B 84 -7.38 -9.03 30.46
N ASN B 85 -7.66 -8.68 31.73
CA ASN B 85 -7.30 -9.44 32.93
C ASN B 85 -5.82 -9.73 33.14
N THR B 86 -4.99 -8.77 32.80
CA THR B 86 -3.54 -8.81 32.96
C THR B 86 -2.99 -7.36 33.00
N VAL B 87 -1.73 -7.21 33.40
CA VAL B 87 -1.07 -5.93 33.36
C VAL B 87 0.11 -6.09 32.41
N ILE B 88 0.18 -5.29 31.34
CA ILE B 88 1.36 -5.28 30.49
C ILE B 88 2.23 -4.21 31.17
N TRP B 89 3.34 -4.62 31.78
CA TRP B 89 4.23 -3.70 32.46
C TRP B 89 5.19 -3.15 31.45
N ASP B 90 5.31 -1.84 31.42
CA ASP B 90 6.19 -1.11 30.53
C ASP B 90 7.51 -0.91 31.29
N TYR B 91 8.49 -1.77 31.01
CA TYR B 91 9.78 -1.71 31.65
C TYR B 91 10.63 -0.51 31.20
N LYS B 92 10.32 0.09 30.04
CA LYS B 92 11.02 1.26 29.59
C LYS B 92 10.56 2.50 30.36
N ARG B 93 9.31 2.54 30.80
CA ARG B 93 8.81 3.63 31.62
C ARG B 93 8.71 3.27 33.12
N ASP B 94 9.00 2.02 33.52
CA ASP B 94 8.80 1.51 34.90
C ASP B 94 7.36 1.81 35.34
N ALA B 95 6.41 1.51 34.48
CA ALA B 95 5.01 1.83 34.73
C ALA B 95 4.06 0.91 33.99
N PRO B 96 2.77 0.88 34.35
CA PRO B 96 1.81 0.07 33.56
C PRO B 96 1.72 0.66 32.14
N ALA B 97 1.75 -0.19 31.11
CA ALA B 97 1.59 0.27 29.73
C ALA B 97 0.23 0.94 29.50
N HIS B 98 -0.78 0.63 30.33
CA HIS B 98 -2.13 1.16 30.14
C HIS B 98 -2.65 1.85 31.39
N ILE B 99 -3.44 2.91 31.23
CA ILE B 99 -4.00 3.68 32.35
C ILE B 99 -4.86 2.82 33.29
N SER B 100 -5.76 2.03 32.70
CA SER B 100 -6.77 1.26 33.38
C SER B 100 -6.61 -0.23 33.22
N THR B 101 -7.37 -0.97 34.02
CA THR B 101 -7.31 -2.42 34.00
C THR B 101 -8.72 -3.03 33.92
N ILE B 102 -8.77 -4.33 33.60
CA ILE B 102 -9.99 -5.12 33.57
C ILE B 102 -9.70 -6.34 34.42
N GLY B 103 -10.43 -6.50 35.52
CA GLY B 103 -10.28 -7.63 36.44
C GLY B 103 -8.90 -7.81 37.08
N VAL B 104 -8.23 -6.71 37.42
CA VAL B 104 -6.88 -6.79 38.02
C VAL B 104 -6.79 -6.13 39.41
N CYS B 105 -7.12 -4.85 39.51
CA CYS B 105 -6.93 -4.07 40.73
C CYS B 105 -8.14 -3.19 40.94
N SER B 106 -8.67 -3.17 42.16
CA SER B 106 -9.88 -2.41 42.46
C SER B 106 -9.78 -0.92 42.22
N MET B 107 -8.57 -0.33 42.40
CA MET B 107 -8.36 1.09 42.18
C MET B 107 -8.32 1.47 40.69
N THR B 108 -7.82 0.58 39.80
CA THR B 108 -7.66 0.92 38.40
C THR B 108 -8.71 0.29 37.47
N ASP B 109 -9.41 -0.76 37.93
CA ASP B 109 -10.41 -1.46 37.14
C ASP B 109 -11.52 -0.60 36.66
N ILE B 110 -11.80 -0.68 35.38
CA ILE B 110 -12.98 -0.03 34.81
C ILE B 110 -14.12 -1.07 34.64
N ALA B 111 -13.79 -2.37 34.73
CA ALA B 111 -14.64 -3.53 34.57
C ALA B 111 -13.89 -4.73 35.19
N LYS B 112 -14.62 -5.81 35.49
CA LYS B 112 -14.08 -7.08 35.93
C LYS B 112 -13.88 -8.01 34.70
N LYS B 113 -14.74 -7.87 33.66
CA LYS B 113 -14.65 -8.65 32.44
C LYS B 113 -14.69 -7.76 31.21
N PRO B 114 -13.96 -8.13 30.13
CA PRO B 114 -13.99 -7.31 28.91
C PRO B 114 -15.34 -7.28 28.19
N THR B 115 -16.31 -8.09 28.61
CA THR B 115 -17.64 -8.09 28.04
C THR B 115 -18.49 -6.92 28.53
N GLU B 116 -18.06 -6.20 29.58
CA GLU B 116 -18.80 -5.06 30.11
C GLU B 116 -18.82 -3.91 29.10
N THR B 117 -19.96 -3.19 28.99
CA THR B 117 -20.17 -2.17 27.97
C THR B 117 -19.10 -1.06 27.98
N ILE B 118 -18.44 -0.76 29.15
CA ILE B 118 -17.36 0.23 29.18
C ILE B 118 -16.21 -0.19 28.25
N CYS B 119 -16.00 -1.49 28.04
CA CYS B 119 -14.89 -2.00 27.23
C CYS B 119 -15.17 -2.03 25.75
N ALA B 120 -16.45 -2.00 25.35
CA ALA B 120 -16.83 -2.08 23.94
C ALA B 120 -16.10 -1.06 23.05
N PRO B 121 -16.00 0.24 23.39
CA PRO B 121 -15.27 1.18 22.52
C PRO B 121 -13.75 1.07 22.57
N LEU B 122 -13.20 0.46 23.64
CA LEU B 122 -11.76 0.35 23.83
C LEU B 122 -11.18 -0.81 23.08
N THR B 123 -9.98 -0.64 22.52
CA THR B 123 -9.30 -1.74 21.85
C THR B 123 -8.66 -2.58 22.95
N VAL B 124 -9.31 -3.69 23.31
CA VAL B 124 -8.87 -4.55 24.39
C VAL B 124 -7.85 -5.57 23.87
N PHE B 125 -6.75 -5.77 24.62
CA PHE B 125 -5.75 -6.75 24.24
C PHE B 125 -6.19 -8.09 24.81
N PHE B 126 -6.16 -9.13 23.97
CA PHE B 126 -6.57 -10.50 24.28
C PHE B 126 -5.43 -11.43 23.95
N ASP B 127 -5.19 -12.40 24.84
CA ASP B 127 -4.12 -13.38 24.74
C ASP B 127 -4.71 -14.77 24.57
N GLY B 128 -4.59 -15.30 23.37
CA GLY B 128 -5.07 -16.62 23.01
C GLY B 128 -4.48 -17.74 23.84
N ARG B 129 -3.34 -17.47 24.52
CA ARG B 129 -2.75 -18.46 25.41
C ARG B 129 -3.55 -18.64 26.71
N VAL B 130 -4.49 -17.73 27.01
CA VAL B 130 -5.35 -17.81 28.19
C VAL B 130 -6.68 -18.35 27.72
N ASP B 131 -7.20 -19.36 28.44
CA ASP B 131 -8.48 -19.97 28.13
C ASP B 131 -9.61 -18.94 28.09
N GLY B 132 -10.40 -18.99 27.03
CA GLY B 132 -11.54 -18.11 26.82
C GLY B 132 -11.25 -16.75 26.20
N GLN B 133 -9.97 -16.40 25.99
CA GLN B 133 -9.67 -15.06 25.44
C GLN B 133 -9.87 -14.98 23.94
N VAL B 134 -9.69 -16.08 23.20
CA VAL B 134 -10.00 -16.09 21.77
C VAL B 134 -11.53 -15.87 21.58
N ASP B 135 -12.35 -16.46 22.45
CA ASP B 135 -13.80 -16.29 22.43
C ASP B 135 -14.20 -14.88 22.87
N LEU B 136 -13.52 -14.31 23.86
CA LEU B 136 -13.77 -12.92 24.29
C LEU B 136 -13.42 -11.91 23.18
N PHE B 137 -12.40 -12.21 22.37
CA PHE B 137 -12.03 -11.40 21.21
C PHE B 137 -13.16 -11.51 20.15
N ARG B 138 -13.74 -12.72 19.98
CA ARG B 138 -14.85 -12.95 19.06
C ARG B 138 -16.06 -12.10 19.46
N ASN B 139 -16.33 -11.99 20.76
CA ASN B 139 -17.43 -11.17 21.24
C ASN B 139 -17.07 -9.68 21.39
N ALA B 140 -15.77 -9.31 21.33
CA ALA B 140 -15.35 -7.93 21.47
C ALA B 140 -15.59 -7.08 20.24
N ARG B 141 -16.09 -5.86 20.44
CA ARG B 141 -16.30 -4.92 19.33
C ARG B 141 -14.92 -4.40 18.86
N ASN B 142 -14.01 -4.10 19.80
CA ASN B 142 -12.67 -3.60 19.51
C ASN B 142 -11.64 -4.37 20.29
N GLY B 143 -10.59 -4.79 19.59
CA GLY B 143 -9.58 -5.59 20.22
C GLY B 143 -8.46 -6.05 19.33
N VAL B 144 -7.42 -6.55 19.98
CA VAL B 144 -6.26 -7.11 19.33
C VAL B 144 -6.04 -8.45 20.00
N LEU B 145 -5.83 -9.48 19.20
CA LEU B 145 -5.62 -10.81 19.71
C LEU B 145 -4.26 -11.32 19.30
N ILE B 146 -3.55 -11.96 20.24
CA ILE B 146 -2.35 -12.69 19.90
C ILE B 146 -2.59 -14.20 20.13
N THR B 147 -2.02 -15.03 19.27
CA THR B 147 -2.09 -16.47 19.42
C THR B 147 -0.73 -17.06 19.05
N GLU B 148 -0.47 -18.27 19.51
CA GLU B 148 0.74 -18.99 19.13
C GLU B 148 0.50 -19.76 17.83
N GLY B 149 -0.71 -20.27 17.64
CA GLY B 149 -1.06 -21.04 16.45
C GLY B 149 -2.20 -20.44 15.66
N SER B 150 -2.78 -21.23 14.74
CA SER B 150 -3.85 -20.75 13.89
C SER B 150 -5.21 -20.64 14.58
N VAL B 151 -6.04 -19.72 14.11
CA VAL B 151 -7.39 -19.54 14.59
C VAL B 151 -8.30 -19.88 13.41
N LYS B 152 -9.22 -20.85 13.59
CA LYS B 152 -10.14 -21.27 12.53
C LYS B 152 -10.98 -20.09 12.03
N GLY B 153 -10.94 -19.85 10.71
CA GLY B 153 -11.70 -18.78 10.08
C GLY B 153 -11.05 -17.42 10.07
N LEU B 154 -9.93 -17.26 10.78
CA LEU B 154 -9.23 -15.99 10.79
C LEU B 154 -7.88 -16.09 10.12
N GLN B 155 -7.61 -15.17 9.20
CA GLN B 155 -6.30 -15.08 8.57
C GLN B 155 -5.35 -14.30 9.48
N PRO B 156 -4.17 -14.86 9.75
CA PRO B 156 -3.26 -14.20 10.68
C PRO B 156 -2.28 -13.20 10.07
N SER B 157 -1.81 -12.33 10.93
CA SER B 157 -0.75 -11.41 10.58
C SER B 157 0.42 -11.92 11.43
N VAL B 158 1.47 -12.43 10.80
CA VAL B 158 2.63 -12.91 11.53
C VAL B 158 3.34 -11.70 12.17
N GLY B 159 3.44 -11.71 13.50
CA GLY B 159 4.07 -10.63 14.23
C GLY B 159 5.57 -10.73 14.24
N PRO B 160 6.24 -9.88 15.05
CA PRO B 160 7.70 -9.98 15.13
C PRO B 160 8.17 -11.29 15.79
N LYS B 161 9.41 -11.70 15.47
CA LYS B 161 9.99 -12.91 16.05
C LYS B 161 10.17 -12.78 17.57
N GLN B 162 10.42 -11.53 18.04
CA GLN B 162 10.70 -11.23 19.44
C GLN B 162 9.49 -10.75 20.24
N ALA B 163 9.56 -10.98 21.54
CA ALA B 163 8.60 -10.55 22.53
C ALA B 163 9.35 -10.13 23.82
N SER B 164 8.68 -9.43 24.71
CA SER B 164 9.23 -9.00 25.97
C SER B 164 8.89 -10.03 27.09
N LEU B 165 9.90 -10.60 27.73
CA LEU B 165 9.68 -11.52 28.87
C LEU B 165 10.31 -10.89 30.13
N ASN B 166 9.48 -10.33 31.02
CA ASN B 166 9.94 -9.65 32.21
C ASN B 166 10.92 -8.52 31.90
N GLY B 167 10.66 -7.81 30.81
CA GLY B 167 11.48 -6.69 30.38
C GLY B 167 12.67 -7.06 29.52
N VAL B 168 12.85 -8.33 29.23
CA VAL B 168 13.95 -8.78 28.38
C VAL B 168 13.35 -9.10 27.03
N THR B 169 13.71 -8.32 26.01
CA THR B 169 13.22 -8.57 24.67
C THR B 169 14.07 -9.69 24.12
N LEU B 170 13.41 -10.74 23.64
CA LEU B 170 14.13 -11.90 23.16
C LEU B 170 13.34 -12.66 22.12
N ILE B 171 14.06 -13.47 21.34
CA ILE B 171 13.49 -14.40 20.42
C ILE B 171 13.56 -15.73 21.15
N GLY B 172 12.41 -16.22 21.58
CA GLY B 172 12.26 -17.41 22.38
C GLY B 172 12.73 -18.71 21.77
N GLU B 173 13.45 -19.49 22.54
CA GLU B 173 13.90 -20.83 22.16
C GLU B 173 13.19 -21.86 23.04
N ALA B 174 13.03 -21.58 24.33
CA ALA B 174 12.33 -22.44 25.27
C ALA B 174 10.84 -22.06 25.42
N VAL B 175 10.46 -20.87 24.93
CA VAL B 175 9.12 -20.27 24.93
C VAL B 175 8.85 -19.70 23.54
N LYS B 176 7.57 -19.56 23.19
CA LYS B 176 7.20 -19.01 21.91
C LYS B 176 7.05 -17.50 22.07
N THR B 177 7.73 -16.74 21.24
CA THR B 177 7.65 -15.27 21.26
C THR B 177 7.04 -14.71 19.96
N GLN B 178 6.94 -15.53 18.86
CA GLN B 178 6.33 -15.06 17.61
C GLN B 178 4.85 -15.35 17.61
N PHE B 179 4.03 -14.29 17.63
CA PHE B 179 2.59 -14.46 17.70
C PHE B 179 1.90 -14.13 16.41
N ASN B 180 0.69 -14.68 16.23
CA ASN B 180 -0.20 -14.30 15.17
C ASN B 180 -1.02 -13.15 15.76
N TYR B 181 -1.19 -12.10 15.01
CA TYR B 181 -1.93 -10.93 15.44
C TYR B 181 -3.22 -10.84 14.64
N TYR B 182 -4.30 -10.48 15.34
CA TYR B 182 -5.63 -10.24 14.81
C TYR B 182 -6.14 -8.96 15.41
N LYS B 183 -6.97 -8.23 14.67
CA LYS B 183 -7.47 -6.96 15.15
C LYS B 183 -8.86 -6.72 14.66
N LYS B 184 -9.72 -6.21 15.53
CA LYS B 184 -11.09 -5.90 15.19
C LYS B 184 -11.33 -4.45 15.52
N VAL B 185 -12.04 -3.76 14.63
CA VAL B 185 -12.45 -2.37 14.78
C VAL B 185 -13.97 -2.37 14.49
N ASP B 186 -14.79 -1.85 15.42
CA ASP B 186 -16.24 -1.76 15.29
C ASP B 186 -16.93 -3.09 14.92
N GLY B 187 -16.40 -4.20 15.43
CA GLY B 187 -16.93 -5.53 15.22
C GLY B 187 -16.45 -6.21 13.95
N VAL B 188 -15.61 -5.55 13.16
CA VAL B 188 -15.12 -6.11 11.90
C VAL B 188 -13.65 -6.52 11.99
N VAL B 189 -13.32 -7.77 11.64
CA VAL B 189 -11.95 -8.26 11.65
C VAL B 189 -11.20 -7.53 10.55
N GLN B 190 -10.10 -6.92 10.91
CA GLN B 190 -9.29 -6.13 9.99
C GLN B 190 -8.28 -6.99 9.25
N GLN B 191 -7.87 -6.49 8.08
CA GLN B 191 -6.79 -7.07 7.32
C GLN B 191 -5.59 -6.21 7.73
N LEU B 192 -4.73 -6.72 8.62
CA LEU B 192 -3.56 -5.98 9.09
C LEU B 192 -2.61 -5.77 7.93
N PRO B 193 -1.98 -4.59 7.85
CA PRO B 193 -1.14 -4.29 6.68
C PRO B 193 0.17 -5.05 6.66
N GLU B 194 0.76 -5.16 5.45
CA GLU B 194 2.12 -5.67 5.23
C GLU B 194 3.05 -4.72 6.03
N THR B 195 3.98 -5.27 6.80
CA THR B 195 4.82 -4.45 7.62
C THR B 195 6.21 -4.99 7.78
N TYR B 196 7.14 -4.08 7.99
CA TYR B 196 8.48 -4.46 8.42
C TYR B 196 8.40 -4.48 9.95
N PHE B 197 9.38 -5.06 10.60
CA PHE B 197 9.46 -5.04 12.05
C PHE B 197 10.79 -4.53 12.49
N THR B 198 10.81 -3.68 13.54
CA THR B 198 12.07 -3.29 14.14
C THR B 198 12.63 -4.51 14.90
N GLN B 199 13.96 -4.58 15.04
CA GLN B 199 14.65 -5.71 15.61
C GLN B 199 14.85 -5.65 17.13
N SER B 200 14.59 -4.50 17.76
CA SER B 200 14.66 -4.30 19.21
C SER B 200 15.99 -4.70 19.88
N ARG B 201 17.09 -4.48 19.18
CA ARG B 201 18.41 -4.79 19.72
C ARG B 201 18.94 -3.64 20.58
N ASN B 202 19.96 -3.95 21.39
CA ASN B 202 20.66 -2.99 22.26
C ASN B 202 21.95 -2.61 21.56
N LEU B 203 22.46 -1.44 21.89
CA LEU B 203 23.71 -0.97 21.35
C LEU B 203 24.92 -1.81 21.86
N GLN B 204 24.94 -2.08 23.18
CA GLN B 204 26.03 -2.77 23.84
C GLN B 204 26.11 -4.27 23.53
N GLU B 205 24.96 -4.92 23.29
CA GLU B 205 24.96 -6.35 22.98
C GLU B 205 24.34 -6.62 21.61
N PHE B 206 24.70 -5.82 20.62
CA PHE B 206 24.17 -5.94 19.29
C PHE B 206 24.64 -7.21 18.55
N LYS B 207 23.69 -8.00 18.05
CA LYS B 207 24.02 -9.18 17.27
C LYS B 207 23.46 -9.11 15.86
N PRO B 208 24.30 -9.38 14.84
CA PRO B 208 23.80 -9.37 13.46
C PRO B 208 22.83 -10.52 13.21
N ARG B 209 21.80 -10.29 12.37
CA ARG B 209 20.79 -11.31 12.09
C ARG B 209 20.67 -11.65 10.59
N SER B 210 21.76 -11.43 9.84
CA SER B 210 21.85 -11.75 8.42
C SER B 210 23.31 -11.69 7.97
N GLN B 211 23.63 -12.25 6.78
CA GLN B 211 24.99 -12.19 6.27
C GLN B 211 25.39 -10.74 5.95
N MET B 212 24.42 -9.93 5.49
CA MET B 212 24.67 -8.52 5.21
C MET B 212 25.05 -7.77 6.48
N GLU B 213 24.37 -8.08 7.59
CA GLU B 213 24.66 -7.45 8.88
C GLU B 213 26.00 -7.88 9.43
N ILE B 214 26.40 -9.15 9.19
CA ILE B 214 27.70 -9.65 9.59
C ILE B 214 28.78 -8.90 8.81
N ASP B 215 28.56 -8.70 7.50
CA ASP B 215 29.48 -7.99 6.62
C ASP B 215 29.59 -6.52 6.99
N PHE B 216 28.48 -5.87 7.41
CA PHE B 216 28.52 -4.46 7.80
C PHE B 216 29.44 -4.26 9.00
N LEU B 217 29.30 -5.15 9.99
CA LEU B 217 30.11 -5.07 11.20
C LEU B 217 31.56 -5.49 10.98
N GLU B 218 31.82 -6.46 10.08
CA GLU B 218 33.18 -6.93 9.84
C GLU B 218 33.96 -6.10 8.83
N LEU B 219 33.40 -5.86 7.65
CA LEU B 219 34.11 -5.13 6.58
C LEU B 219 34.26 -3.63 6.84
N ALA B 220 35.19 -3.00 6.12
CA ALA B 220 35.35 -1.55 6.18
C ALA B 220 34.25 -0.92 5.31
N MET B 221 33.91 0.34 5.58
CA MET B 221 32.85 1.06 4.88
C MET B 221 32.85 0.92 3.35
N ASP B 222 33.99 1.18 2.71
CA ASP B 222 34.09 1.12 1.26
C ASP B 222 33.99 -0.29 0.67
N GLU B 223 34.41 -1.31 1.43
CA GLU B 223 34.33 -2.70 0.98
C GLU B 223 32.88 -3.14 1.03
N PHE B 224 32.16 -2.80 2.11
CA PHE B 224 30.76 -3.19 2.27
C PHE B 224 29.87 -2.54 1.21
N ILE B 225 30.04 -1.22 1.02
CA ILE B 225 29.27 -0.48 0.03
C ILE B 225 29.50 -1.04 -1.38
N GLU B 226 30.73 -1.46 -1.68
CA GLU B 226 31.05 -2.05 -2.97
C GLU B 226 30.41 -3.42 -3.11
N ARG B 227 30.57 -4.30 -2.10
CA ARG B 227 30.00 -5.65 -2.11
C ARG B 227 28.49 -5.67 -2.32
N TYR B 228 27.78 -4.75 -1.66
CA TYR B 228 26.31 -4.72 -1.75
C TYR B 228 25.75 -3.71 -2.74
N LYS B 229 26.60 -3.17 -3.63
CA LYS B 229 26.22 -2.20 -4.68
C LYS B 229 25.42 -1.03 -4.11
N LEU B 230 25.93 -0.43 -3.04
CA LEU B 230 25.25 0.67 -2.37
C LEU B 230 25.78 2.06 -2.72
N GLU B 231 26.56 2.19 -3.80
CA GLU B 231 27.08 3.48 -4.25
C GLU B 231 25.92 4.40 -4.65
N GLY B 232 25.94 5.64 -4.16
CA GLY B 232 24.90 6.61 -4.47
C GLY B 232 23.68 6.55 -3.55
N TYR B 233 23.72 5.69 -2.53
CA TYR B 233 22.64 5.55 -1.57
C TYR B 233 22.89 6.23 -0.21
N ALA B 234 24.00 6.99 -0.11
CA ALA B 234 24.43 7.77 1.05
C ALA B 234 24.53 6.97 2.36
N PHE B 235 24.99 5.72 2.29
CA PHE B 235 25.17 4.92 3.50
C PHE B 235 26.28 5.49 4.37
N GLU B 236 27.29 6.14 3.76
CA GLU B 236 28.40 6.82 4.43
C GLU B 236 27.84 7.83 5.44
N HIS B 237 26.79 8.58 5.03
CA HIS B 237 26.10 9.55 5.87
C HIS B 237 25.03 8.90 6.78
N ILE B 238 23.98 8.27 6.20
CA ILE B 238 22.84 7.65 6.87
C ILE B 238 23.18 6.55 7.87
N VAL B 239 23.98 5.56 7.46
CA VAL B 239 24.22 4.40 8.29
C VAL B 239 25.54 4.47 9.06
N TYR B 240 26.64 4.83 8.41
CA TYR B 240 27.94 4.91 9.07
C TYR B 240 28.06 6.14 9.97
N GLY B 241 27.49 7.25 9.53
CA GLY B 241 27.55 8.48 10.28
C GLY B 241 28.72 9.35 9.88
N ASP B 242 28.51 10.67 9.89
CA ASP B 242 29.53 11.64 9.57
C ASP B 242 29.88 12.38 10.86
N PHE B 243 31.12 12.20 11.33
CA PHE B 243 31.56 12.83 12.56
C PHE B 243 32.57 13.94 12.33
N SER B 244 32.63 14.50 11.10
CA SER B 244 33.63 15.51 10.76
C SER B 244 33.21 16.95 11.06
N HIS B 245 31.91 17.21 11.18
CA HIS B 245 31.44 18.57 11.49
C HIS B 245 30.85 18.63 12.89
N SER B 246 30.59 19.85 13.41
CA SER B 246 30.00 20.00 14.75
C SER B 246 28.66 19.29 14.85
N GLN B 247 27.86 19.33 13.77
CA GLN B 247 26.62 18.58 13.74
C GLN B 247 26.89 17.19 13.15
N LEU B 248 26.62 16.16 13.96
CA LEU B 248 26.73 14.74 13.58
C LEU B 248 25.79 14.48 12.43
N GLY B 249 26.32 13.90 11.37
CA GLY B 249 25.57 13.65 10.16
C GLY B 249 25.06 12.24 10.09
N GLY B 250 23.80 12.10 9.73
CA GLY B 250 23.14 10.81 9.58
C GLY B 250 23.11 10.01 10.87
N LEU B 251 23.52 8.74 10.80
CA LEU B 251 23.55 7.82 11.93
C LEU B 251 22.11 7.53 12.44
N HIS B 252 21.28 6.98 11.55
CA HIS B 252 19.89 6.71 11.88
C HIS B 252 19.54 5.24 12.02
N LEU B 253 20.49 4.32 11.71
CA LEU B 253 20.24 2.90 11.84
C LEU B 253 21.02 2.39 13.02
N LEU B 254 20.37 1.63 13.94
CA LEU B 254 21.03 1.09 15.12
C LEU B 254 22.34 0.35 14.82
N ILE B 255 22.37 -0.48 13.76
CA ILE B 255 23.58 -1.20 13.39
C ILE B 255 24.81 -0.26 13.18
N GLY B 256 24.59 0.93 12.63
CA GLY B 256 25.67 1.89 12.45
C GLY B 256 26.19 2.45 13.76
N LEU B 257 25.29 2.68 14.71
CA LEU B 257 25.66 3.12 16.04
C LEU B 257 26.44 2.00 16.74
N ALA B 258 26.03 0.73 16.56
CA ALA B 258 26.67 -0.43 17.17
C ALA B 258 28.09 -0.60 16.63
N LYS B 259 28.28 -0.36 15.31
CA LYS B 259 29.61 -0.47 14.71
C LYS B 259 30.54 0.61 15.30
N ARG B 260 30.03 1.84 15.44
CA ARG B 260 30.76 2.98 15.98
C ARG B 260 31.12 2.73 17.44
N PHE B 261 30.17 2.18 18.21
CA PHE B 261 30.32 1.88 19.63
C PHE B 261 31.49 0.96 19.96
N LYS B 262 31.78 -0.01 19.05
CA LYS B 262 32.90 -0.93 19.21
C LYS B 262 34.22 -0.17 19.21
N GLU B 263 34.35 0.86 18.37
CA GLU B 263 35.57 1.65 18.27
C GLU B 263 35.63 2.82 19.26
N SER B 264 34.63 3.71 19.23
CA SER B 264 34.56 4.91 20.06
C SER B 264 33.23 4.95 20.78
N PRO B 265 33.22 5.30 22.07
CA PRO B 265 31.94 5.42 22.78
C PRO B 265 31.28 6.77 22.52
N PHE B 266 30.01 6.88 22.88
CA PHE B 266 29.26 8.11 22.72
C PHE B 266 28.07 8.14 23.69
N GLU B 267 27.55 9.34 23.96
CA GLU B 267 26.41 9.49 24.84
C GLU B 267 25.14 9.59 24.04
N LEU B 268 24.13 8.80 24.40
CA LEU B 268 22.82 8.85 23.79
C LEU B 268 21.88 9.31 24.87
N GLU B 269 21.39 10.53 24.78
CA GLU B 269 20.42 11.02 25.75
C GLU B 269 19.01 10.68 25.25
N ASP B 270 18.38 9.71 25.91
CA ASP B 270 17.03 9.27 25.65
C ASP B 270 16.07 10.27 26.34
N PHE B 271 15.81 11.44 25.72
CA PHE B 271 15.01 12.50 26.34
C PHE B 271 13.48 12.23 26.40
N ILE B 272 12.95 11.24 25.66
CA ILE B 272 11.54 10.83 25.80
C ILE B 272 11.63 9.32 26.07
N PRO B 273 11.92 8.90 27.32
CA PRO B 273 12.12 7.47 27.56
C PRO B 273 10.83 6.64 27.55
N MET B 274 10.62 5.98 26.45
CA MET B 274 9.46 5.15 26.20
C MET B 274 9.77 4.22 25.04
N ASP B 275 9.01 3.14 24.93
CA ASP B 275 9.18 2.20 23.84
C ASP B 275 8.53 2.81 22.61
N SER B 276 9.30 2.97 21.53
CA SER B 276 8.74 3.43 20.28
C SER B 276 9.53 2.91 19.07
N THR B 277 8.83 2.72 17.94
CA THR B 277 9.38 2.21 16.66
C THR B 277 10.60 3.03 16.26
N VAL B 278 10.47 4.35 16.33
CA VAL B 278 11.59 5.23 16.09
C VAL B 278 11.95 5.90 17.41
N LYS B 279 13.22 5.92 17.75
CA LYS B 279 13.70 6.54 18.98
C LYS B 279 14.48 7.82 18.68
N ASN B 280 14.32 8.86 19.49
CA ASN B 280 15.05 10.11 19.30
C ASN B 280 16.10 10.27 20.39
N TYR B 281 17.35 10.53 20.02
CA TYR B 281 18.42 10.71 21.01
C TYR B 281 19.20 11.99 20.80
N PHE B 282 19.64 12.60 21.88
CA PHE B 282 20.55 13.76 21.80
C PHE B 282 21.89 13.06 21.88
N ILE B 283 22.57 12.88 20.72
CA ILE B 283 23.84 12.16 20.71
C ILE B 283 25.06 13.10 20.78
N THR B 284 26.13 12.68 21.51
CA THR B 284 27.40 13.39 21.60
C THR B 284 28.48 12.34 21.41
N ASP B 285 29.23 12.43 20.31
CA ASP B 285 30.31 11.49 20.04
C ASP B 285 31.53 11.86 20.90
N ALA B 286 31.97 10.94 21.77
CA ALA B 286 33.09 11.25 22.68
C ALA B 286 34.43 11.48 21.98
N GLN B 287 34.73 10.74 20.91
CA GLN B 287 36.00 10.89 20.22
C GLN B 287 36.15 12.25 19.51
N THR B 288 35.13 12.66 18.77
CA THR B 288 35.21 13.87 17.96
C THR B 288 34.53 15.13 18.53
N GLY B 289 33.53 14.97 19.37
CA GLY B 289 32.73 16.11 19.84
C GLY B 289 31.62 16.45 18.84
N SER B 290 31.43 15.62 17.79
CA SER B 290 30.34 15.80 16.84
C SER B 290 29.04 15.45 17.61
N SER B 291 28.01 16.28 17.50
CA SER B 291 26.77 16.05 18.23
C SER B 291 25.49 16.41 17.46
N LYS B 292 24.32 15.91 17.90
CA LYS B 292 23.04 16.20 17.26
C LYS B 292 21.94 16.13 18.31
N CYS B 293 21.15 17.22 18.47
CA CYS B 293 20.07 17.30 19.46
C CYS B 293 19.02 16.23 19.28
N VAL B 294 18.54 16.05 18.04
CA VAL B 294 17.52 15.07 17.74
C VAL B 294 18.01 14.15 16.66
N CYS B 295 18.53 13.01 17.07
CA CYS B 295 19.00 12.01 16.13
C CYS B 295 18.01 10.85 16.17
N SER B 296 17.16 10.75 15.14
CA SER B 296 16.20 9.67 15.05
C SER B 296 16.92 8.37 14.71
N VAL B 297 16.65 7.33 15.45
CA VAL B 297 17.29 6.03 15.30
C VAL B 297 16.22 4.96 15.21
N ILE B 298 16.36 4.10 14.23
CA ILE B 298 15.47 2.97 14.07
C ILE B 298 16.35 1.71 13.97
N ASP B 299 15.88 0.61 14.55
CA ASP B 299 16.59 -0.64 14.45
C ASP B 299 15.90 -1.53 13.43
N LEU B 300 16.25 -1.38 12.18
CA LEU B 300 15.73 -2.25 11.13
C LEU B 300 16.83 -3.23 10.81
N LEU B 301 16.47 -4.42 10.30
CA LEU B 301 17.46 -5.37 9.77
C LEU B 301 18.10 -4.65 8.55
N LEU B 302 19.43 -4.64 8.43
CA LEU B 302 20.08 -3.88 7.36
C LEU B 302 19.52 -4.21 5.96
N ASP B 303 19.12 -5.46 5.73
CA ASP B 303 18.53 -5.92 4.47
C ASP B 303 17.20 -5.24 4.21
N ASP B 304 16.39 -5.04 5.28
CA ASP B 304 15.10 -4.39 5.17
C ASP B 304 15.27 -2.92 4.86
N PHE B 305 16.25 -2.25 5.50
CA PHE B 305 16.55 -0.84 5.25
C PHE B 305 17.05 -0.66 3.82
N VAL B 306 17.92 -1.57 3.34
CA VAL B 306 18.45 -1.56 1.97
C VAL B 306 17.30 -1.72 0.99
N GLU B 307 16.35 -2.66 1.25
CA GLU B 307 15.17 -2.86 0.42
C GLU B 307 14.31 -1.58 0.35
N ILE B 308 14.05 -0.95 1.51
CA ILE B 308 13.28 0.31 1.56
C ILE B 308 13.95 1.40 0.73
N ILE B 309 15.24 1.66 0.95
CA ILE B 309 15.94 2.75 0.27
C ILE B 309 16.10 2.47 -1.23
N LYS B 310 16.32 1.21 -1.62
CA LYS B 310 16.46 0.84 -3.03
C LYS B 310 15.12 0.81 -3.77
N SER B 311 13.99 0.91 -3.06
CA SER B 311 12.66 0.90 -3.66
C SER B 311 12.07 2.30 -3.77
N GLN B 312 12.89 3.35 -3.66
CA GLN B 312 12.42 4.72 -3.74
C GLN B 312 12.82 5.40 -5.05
N ASP B 313 11.99 6.34 -5.48
CA ASP B 313 12.27 7.16 -6.63
C ASP B 313 13.27 8.23 -6.15
N LEU B 314 14.42 8.35 -6.81
CA LEU B 314 15.45 9.32 -6.41
C LEU B 314 15.50 10.57 -7.31
N SER B 315 14.37 10.99 -7.90
CA SER B 315 14.37 12.13 -8.83
C SER B 315 13.91 13.48 -8.28
N VAL B 316 13.50 13.54 -7.00
CA VAL B 316 13.04 14.83 -6.43
C VAL B 316 13.93 15.28 -5.30
N VAL B 317 14.11 16.61 -5.13
CA VAL B 317 14.94 17.17 -4.07
C VAL B 317 14.55 16.64 -2.68
N SER B 318 13.28 16.76 -2.29
CA SER B 318 12.84 16.29 -1.00
C SER B 318 11.41 15.76 -1.05
N LYS B 319 11.15 14.68 -0.31
CA LYS B 319 9.82 14.09 -0.23
C LYS B 319 9.64 13.18 0.98
N VAL B 320 8.38 13.00 1.40
CA VAL B 320 8.06 12.13 2.49
C VAL B 320 7.83 10.72 1.95
N VAL B 321 8.51 9.73 2.54
CA VAL B 321 8.42 8.33 2.19
C VAL B 321 7.78 7.63 3.38
N LYS B 322 6.59 7.09 3.18
CA LYS B 322 5.87 6.41 4.24
C LYS B 322 6.10 4.89 4.19
N VAL B 323 6.53 4.30 5.30
CA VAL B 323 6.83 2.86 5.35
C VAL B 323 6.13 2.25 6.55
N THR B 324 5.36 1.16 6.36
CA THR B 324 4.73 0.47 7.48
C THR B 324 5.79 -0.33 8.24
N ILE B 325 5.97 0.00 9.52
CA ILE B 325 6.95 -0.63 10.39
C ILE B 325 6.26 -0.81 11.74
N ASP B 326 6.23 -2.06 12.24
CA ASP B 326 5.60 -2.40 13.51
C ASP B 326 4.12 -2.07 13.48
N TYR B 327 3.48 -2.20 12.29
CA TYR B 327 2.05 -1.94 12.03
C TYR B 327 1.69 -0.47 11.95
N THR B 328 2.66 0.44 12.13
CA THR B 328 2.40 1.87 12.08
C THR B 328 3.05 2.49 10.87
N GLU B 329 2.52 3.63 10.46
CA GLU B 329 3.08 4.34 9.33
C GLU B 329 4.20 5.24 9.77
N ILE B 330 5.44 4.91 9.36
CA ILE B 330 6.58 5.75 9.70
C ILE B 330 6.93 6.66 8.50
N SER B 331 7.00 7.97 8.72
CA SER B 331 7.37 8.89 7.67
C SER B 331 8.85 9.11 7.71
N PHE B 332 9.47 9.01 6.56
CA PHE B 332 10.89 9.24 6.37
C PHE B 332 11.03 10.43 5.44
N MET B 333 12.13 11.15 5.60
CA MET B 333 12.43 12.26 4.74
C MET B 333 13.52 11.79 3.79
N LEU B 334 13.27 11.88 2.50
CA LEU B 334 14.23 11.46 1.50
C LEU B 334 14.70 12.67 0.73
N TRP B 335 16.01 12.91 0.76
CA TRP B 335 16.63 14.05 0.09
C TRP B 335 17.56 13.54 -0.97
N CYS B 336 17.33 13.95 -2.21
CA CYS B 336 18.14 13.52 -3.33
C CYS B 336 18.77 14.68 -4.10
N LYS B 337 19.78 14.36 -4.90
CA LYS B 337 20.48 15.31 -5.78
C LYS B 337 21.07 14.49 -6.92
N ASP B 338 20.80 14.90 -8.17
CA ASP B 338 21.30 14.27 -9.39
C ASP B 338 21.11 12.75 -9.45
N GLY B 339 19.97 12.27 -8.94
CA GLY B 339 19.66 10.85 -8.96
C GLY B 339 20.29 10.00 -7.88
N HIS B 340 20.97 10.65 -6.92
CA HIS B 340 21.56 9.94 -5.80
C HIS B 340 20.97 10.43 -4.49
N VAL B 341 21.00 9.58 -3.45
CA VAL B 341 20.53 9.96 -2.13
C VAL B 341 21.55 10.90 -1.47
N GLU B 342 21.06 11.90 -0.75
CA GLU B 342 21.88 12.78 0.08
C GLU B 342 21.63 12.33 1.52
N THR B 343 20.35 12.24 1.93
CA THR B 343 19.97 11.73 3.24
C THR B 343 18.59 11.06 3.20
N PHE B 344 18.35 10.17 4.15
CA PHE B 344 17.09 9.46 4.29
C PHE B 344 16.97 9.16 5.76
N TYR B 345 15.96 9.74 6.43
CA TYR B 345 15.85 9.60 7.87
C TYR B 345 14.45 9.57 8.36
N PRO B 346 14.18 8.89 9.50
CA PRO B 346 12.83 8.94 10.09
C PRO B 346 12.46 10.37 10.48
N LYS B 347 11.50 10.96 9.75
CA LYS B 347 11.01 12.33 9.84
C LYS B 347 10.66 12.77 11.25
N LEU B 348 11.32 13.86 11.69
CA LEU B 348 11.13 14.49 12.99
C LEU B 348 9.95 15.49 12.81
N GLN B 349 8.80 15.20 13.44
CA GLN B 349 7.61 16.04 13.25
C GLN B 349 6.90 16.41 14.56
#